data_4QIU
#
_entry.id   4QIU
#
_cell.length_a   70.066
_cell.length_b   56.794
_cell.length_c   87.237
_cell.angle_alpha   90.00
_cell.angle_beta   97.09
_cell.angle_gamma   90.00
#
_symmetry.space_group_name_H-M   'P 1 21 1'
#
loop_
_entity.id
_entity.type
_entity.pdbx_description
1 polymer 'Nitronate monooxygenase family protein'
2 non-polymer 'FLAVIN MONONUCLEOTIDE'
3 non-polymer 1-nitropropane
4 water water
#
_entity_poly.entity_id   1
_entity_poly.type   'polypeptide(L)'
_entity_poly.pdbx_seq_one_letter_code
;HHHHHHTDRFTRLLGIQQPIIQAPMLGVSTPALAAAVSNAGGLGSIAITGSAAEKGRALIREVRGLTDKPFNVNLFCHRP
GQADPARERAWLDYLKPLFAEFGAEPPVRLKNIYLSFLEDPTLLPMLLEERPAAVSFHFGAPPRDQVRALQAVGIRVLVC
ATTPEEAALVEAAGADAVVAQGIEAGGCRGVFEPERGDAAIGTLALVRLLAARGSLPVVAAGGIMDGRGIRAALELGASA
VQMGTAFVLCPESSANAAYREALKGPRAARTALTVTMSGRSARGLPNRMFFDAAAPGVPPLPDYPFVYDATKALQTAALA
RGNHDFAAQWAGQGAALARELPAAELLRTLVEELRG
;
_entity_poly.pdbx_strand_id   A,B
#
loop_
_chem_comp.id
_chem_comp.type
_chem_comp.name
_chem_comp.formula
FMN non-polymer 'FLAVIN MONONUCLEOTIDE' 'C17 H21 N4 O9 P'
N1P non-polymer 1-nitropropane 'C3 H7 N O2'
#
# COMPACT_ATOMS: atom_id res chain seq x y z
N THR A 7 -24.03 -4.46 -2.11
CA THR A 7 -23.82 -5.73 -2.82
C THR A 7 -25.10 -6.19 -3.52
N ASP A 8 -26.26 -5.82 -2.96
CA ASP A 8 -27.52 -6.13 -3.62
C ASP A 8 -27.58 -5.40 -4.96
N ARG A 9 -27.19 -4.12 -4.96
CA ARG A 9 -27.18 -3.36 -6.20
C ARG A 9 -26.26 -3.98 -7.24
N PHE A 10 -25.05 -4.35 -6.82
CA PHE A 10 -24.06 -4.85 -7.75
C PHE A 10 -24.39 -6.23 -8.30
N THR A 11 -24.81 -7.13 -7.42
CA THR A 11 -25.17 -8.48 -7.88
C THR A 11 -26.37 -8.40 -8.84
N ARG A 12 -27.34 -7.53 -8.55
CA ARG A 12 -28.47 -7.34 -9.46
C ARG A 12 -27.99 -6.80 -10.81
N LEU A 13 -27.06 -5.86 -10.79
CA LEU A 13 -26.51 -5.28 -12.01
C LEU A 13 -25.83 -6.33 -12.88
N LEU A 14 -25.11 -7.26 -12.25
CA LEU A 14 -24.33 -8.24 -13.00
C LEU A 14 -25.10 -9.53 -13.26
N GLY A 15 -26.25 -9.69 -12.62
CA GLY A 15 -27.04 -10.90 -12.78
C GLY A 15 -26.49 -12.13 -12.05
N ILE A 16 -25.76 -11.89 -10.97
CA ILE A 16 -25.10 -12.96 -10.22
C ILE A 16 -25.58 -12.99 -8.77
N GLN A 17 -25.22 -14.04 -8.05
CA GLN A 17 -25.68 -14.20 -6.67
C GLN A 17 -24.75 -13.59 -5.63
N GLN A 18 -23.45 -13.59 -5.92
CA GLN A 18 -22.43 -13.20 -4.92
C GLN A 18 -21.55 -12.08 -5.45
N PRO A 19 -21.22 -11.10 -4.60
CA PRO A 19 -20.42 -9.93 -5.03
C PRO A 19 -18.92 -10.21 -5.07
N ILE A 20 -18.53 -11.25 -5.77
CA ILE A 20 -17.15 -11.73 -5.79
C ILE A 20 -16.78 -12.02 -7.22
N ILE A 21 -15.77 -11.32 -7.71
CA ILE A 21 -15.23 -11.53 -9.05
C ILE A 21 -13.90 -12.27 -8.93
N GLN A 22 -13.78 -13.41 -9.61
CA GLN A 22 -12.47 -14.04 -9.73
C GLN A 22 -11.72 -13.28 -10.82
N ALA A 23 -10.59 -12.68 -10.47
CA ALA A 23 -9.91 -11.76 -11.39
C ALA A 23 -9.50 -12.41 -12.69
N PRO A 24 -9.64 -11.68 -13.81
CA PRO A 24 -9.03 -12.15 -15.05
C PRO A 24 -7.54 -12.15 -14.86
N MET A 25 -6.87 -13.19 -15.31
CA MET A 25 -5.45 -13.34 -15.05
C MET A 25 -4.79 -13.98 -16.25
N LEU A 26 -4.22 -13.17 -17.13
CA LEU A 26 -3.68 -13.70 -18.36
C LEU A 26 -2.60 -14.77 -18.07
N GLY A 27 -2.82 -15.98 -18.58
CA GLY A 27 -1.89 -17.07 -18.36
C GLY A 27 -2.25 -17.95 -17.17
N VAL A 28 -3.23 -17.52 -16.38
CA VAL A 28 -3.64 -18.23 -15.18
C VAL A 28 -5.14 -18.55 -15.17
N SER A 29 -5.97 -17.56 -15.44
CA SER A 29 -7.39 -17.86 -15.55
C SER A 29 -7.62 -18.72 -16.80
N THR A 30 -8.68 -19.52 -16.77
CA THR A 30 -9.03 -20.47 -17.81
C THR A 30 -10.55 -20.49 -17.90
N PRO A 31 -11.11 -20.98 -19.03
CA PRO A 31 -12.56 -21.19 -19.05
C PRO A 31 -13.06 -22.07 -17.90
N ALA A 32 -12.30 -23.09 -17.51
CA ALA A 32 -12.73 -23.96 -16.42
C ALA A 32 -12.81 -23.20 -15.09
N LEU A 33 -11.81 -22.35 -14.85
CA LEU A 33 -11.81 -21.58 -13.61
C LEU A 33 -12.97 -20.60 -13.59
N ALA A 34 -13.16 -19.86 -14.68
CA ALA A 34 -14.23 -18.87 -14.78
C ALA A 34 -15.60 -19.53 -14.62
N ALA A 35 -15.78 -20.67 -15.25
CA ALA A 35 -17.08 -21.34 -15.21
C ALA A 35 -17.38 -21.86 -13.82
N ALA A 36 -16.37 -22.37 -13.12
CA ALA A 36 -16.53 -22.86 -11.77
C ALA A 36 -16.99 -21.74 -10.83
N VAL A 37 -16.36 -20.58 -10.93
CA VAL A 37 -16.74 -19.45 -10.09
C VAL A 37 -18.13 -18.94 -10.41
N SER A 38 -18.43 -18.79 -11.70
CA SER A 38 -19.78 -18.36 -12.12
C SER A 38 -20.84 -19.37 -11.68
N ASN A 39 -20.59 -20.65 -11.90
CA ASN A 39 -21.52 -21.68 -11.44
C ASN A 39 -21.77 -21.61 -9.94
N ALA A 40 -20.69 -21.37 -9.18
CA ALA A 40 -20.80 -21.30 -7.72
C ALA A 40 -21.54 -20.04 -7.26
N GLY A 41 -21.69 -19.06 -8.15
CA GLY A 41 -22.48 -17.88 -7.83
C GLY A 41 -21.79 -16.52 -7.95
N GLY A 42 -20.48 -16.51 -8.17
CA GLY A 42 -19.75 -15.26 -8.33
C GLY A 42 -19.63 -14.89 -9.80
N LEU A 43 -18.62 -14.07 -10.13
CA LEU A 43 -18.39 -13.70 -11.51
C LEU A 43 -17.02 -14.23 -11.93
N GLY A 44 -17.01 -15.31 -12.71
CA GLY A 44 -15.77 -15.85 -13.23
C GLY A 44 -15.25 -14.94 -14.31
N SER A 45 -13.95 -14.97 -14.59
CA SER A 45 -13.36 -14.08 -15.60
C SER A 45 -12.31 -14.77 -16.44
N ILE A 46 -12.22 -14.39 -17.71
CA ILE A 46 -11.07 -14.76 -18.53
C ILE A 46 -10.42 -13.52 -19.15
N ALA A 47 -9.15 -13.64 -19.49
CA ALA A 47 -8.41 -12.56 -20.15
C ALA A 47 -8.08 -13.01 -21.57
N ILE A 48 -8.40 -12.18 -22.56
CA ILE A 48 -8.20 -12.59 -23.96
C ILE A 48 -7.23 -11.72 -24.74
N THR A 49 -6.58 -10.77 -24.07
CA THR A 49 -5.52 -10.01 -24.73
C THR A 49 -4.39 -10.94 -25.17
N GLY A 50 -3.78 -10.65 -26.32
CA GLY A 50 -2.67 -11.46 -26.82
C GLY A 50 -3.15 -12.53 -27.77
N SER A 51 -4.48 -12.66 -27.90
CA SER A 51 -5.09 -13.62 -28.81
C SER A 51 -5.78 -12.89 -29.95
N ALA A 52 -5.75 -13.48 -31.13
CA ALA A 52 -6.54 -13.00 -32.25
C ALA A 52 -8.01 -13.00 -31.87
N ALA A 53 -8.79 -12.09 -32.46
CA ALA A 53 -10.20 -11.95 -32.08
C ALA A 53 -10.98 -13.26 -32.19
N GLU A 54 -10.68 -14.07 -33.19
CA GLU A 54 -11.40 -15.33 -33.37
C GLU A 54 -10.99 -16.36 -32.32
N LYS A 55 -9.78 -16.25 -31.80
CA LYS A 55 -9.37 -17.10 -30.69
C LYS A 55 -10.09 -16.66 -29.40
N GLY A 56 -10.18 -15.35 -29.19
CA GLY A 56 -10.95 -14.81 -28.08
C GLY A 56 -12.39 -15.30 -28.16
N ARG A 57 -12.94 -15.28 -29.37
CA ARG A 57 -14.30 -15.78 -29.58
C ARG A 57 -14.43 -17.23 -29.13
N ALA A 58 -13.46 -18.07 -29.50
CA ALA A 58 -13.48 -19.48 -29.13
C ALA A 58 -13.41 -19.66 -27.61
N LEU A 59 -12.62 -18.82 -26.95
CA LEU A 59 -12.47 -18.91 -25.50
C LEU A 59 -13.78 -18.54 -24.79
N ILE A 60 -14.44 -17.50 -25.29
CA ILE A 60 -15.73 -17.09 -24.77
C ILE A 60 -16.74 -18.23 -24.92
N ARG A 61 -16.76 -18.85 -26.10
CA ARG A 61 -17.68 -19.94 -26.34
C ARG A 61 -17.37 -21.16 -25.46
N GLU A 62 -16.09 -21.36 -25.16
CA GLU A 62 -15.70 -22.43 -24.27
C GLU A 62 -16.29 -22.23 -22.87
N VAL A 63 -16.21 -21.00 -22.36
CA VAL A 63 -16.80 -20.70 -21.06
C VAL A 63 -18.29 -21.00 -21.07
N ARG A 64 -18.97 -20.57 -22.13
CA ARG A 64 -20.42 -20.80 -22.25
C ARG A 64 -20.79 -22.27 -22.29
N GLY A 65 -19.88 -23.13 -22.73
CA GLY A 65 -20.13 -24.57 -22.72
C GLY A 65 -19.98 -25.20 -21.34
N LEU A 66 -19.52 -24.40 -20.37
CA LEU A 66 -19.27 -24.89 -19.02
C LEU A 66 -20.12 -24.20 -17.96
N THR A 67 -20.71 -23.06 -18.32
CA THR A 67 -21.61 -22.35 -17.41
C THR A 67 -22.71 -21.60 -18.17
N ASP A 68 -23.90 -21.55 -17.56
CA ASP A 68 -25.02 -20.74 -18.07
C ASP A 68 -25.00 -19.33 -17.51
N LYS A 69 -24.12 -19.10 -16.55
CA LYS A 69 -24.18 -17.89 -15.74
C LYS A 69 -23.25 -16.78 -16.30
N PRO A 70 -23.47 -15.53 -15.84
CA PRO A 70 -22.64 -14.40 -16.30
C PRO A 70 -21.15 -14.61 -16.04
N PHE A 71 -20.32 -14.13 -16.96
CA PHE A 71 -18.87 -14.11 -16.76
C PHE A 71 -18.29 -12.86 -17.39
N ASN A 72 -17.03 -12.61 -17.08
CA ASN A 72 -16.33 -11.37 -17.38
C ASN A 72 -15.22 -11.64 -18.40
N VAL A 73 -15.18 -10.85 -19.47
CA VAL A 73 -14.10 -10.97 -20.45
C VAL A 73 -13.23 -9.71 -20.40
N ASN A 74 -11.93 -9.91 -20.18
CA ASN A 74 -11.01 -8.82 -19.90
C ASN A 74 -10.05 -8.53 -21.06
N LEU A 75 -9.85 -7.25 -21.34
CA LEU A 75 -8.91 -6.81 -22.36
C LEU A 75 -8.02 -5.68 -21.86
N PHE A 76 -6.75 -5.74 -22.23
CA PHE A 76 -5.82 -4.66 -21.94
C PHE A 76 -6.14 -3.46 -22.81
N CYS A 77 -6.09 -2.27 -22.22
CA CYS A 77 -6.40 -1.03 -22.91
C CYS A 77 -5.30 -0.01 -22.69
N HIS A 78 -4.06 -0.49 -22.76
CA HIS A 78 -2.88 0.35 -22.61
C HIS A 78 -2.70 1.27 -23.82
N ARG A 79 -1.88 2.31 -23.63
CA ARG A 79 -1.36 3.05 -24.77
C ARG A 79 -0.61 2.08 -25.66
N PRO A 80 -0.96 2.02 -26.96
CA PRO A 80 -0.30 1.11 -27.89
C PRO A 80 1.21 1.25 -27.83
N GLY A 81 1.93 0.14 -27.71
CA GLY A 81 3.36 0.18 -27.55
C GLY A 81 4.02 0.84 -28.74
N GLN A 82 5.10 1.57 -28.48
CA GLN A 82 5.87 2.18 -29.55
C GLN A 82 7.19 1.44 -29.76
N ALA A 83 7.31 0.81 -30.91
CA ALA A 83 8.52 0.07 -31.23
C ALA A 83 9.72 1.01 -31.27
N ASP A 84 10.85 0.51 -30.83
CA ASP A 84 12.11 1.24 -30.83
C ASP A 84 13.23 0.23 -31.01
N PRO A 85 13.50 -0.16 -32.27
CA PRO A 85 14.47 -1.20 -32.58
C PRO A 85 15.82 -1.01 -31.90
N ALA A 86 16.33 0.22 -31.87
CA ALA A 86 17.63 0.47 -31.28
C ALA A 86 17.61 0.21 -29.77
N ARG A 87 16.57 0.70 -29.10
CA ARG A 87 16.45 0.52 -27.66
C ARG A 87 16.23 -0.96 -27.33
N GLU A 88 15.44 -1.63 -28.17
CA GLU A 88 15.18 -3.05 -28.00
C GLU A 88 16.45 -3.87 -28.24
N ARG A 89 17.24 -3.48 -29.23
CA ARG A 89 18.50 -4.14 -29.51
C ARG A 89 19.44 -4.06 -28.30
N ALA A 90 19.52 -2.88 -27.71
CA ALA A 90 20.40 -2.68 -26.56
C ALA A 90 19.93 -3.48 -25.34
N TRP A 91 18.61 -3.61 -25.19
CA TRP A 91 18.06 -4.40 -24.11
C TRP A 91 18.41 -5.87 -24.29
N LEU A 92 18.26 -6.37 -25.51
CA LEU A 92 18.57 -7.75 -25.82
C LEU A 92 20.07 -8.04 -25.60
N ASP A 93 20.92 -7.11 -26.05
CA ASP A 93 22.36 -7.26 -25.83
C ASP A 93 22.65 -7.38 -24.34
N TYR A 94 21.97 -6.56 -23.56
CA TYR A 94 22.14 -6.56 -22.12
C TYR A 94 21.74 -7.91 -21.51
N LEU A 95 20.70 -8.55 -22.07
CA LEU A 95 20.22 -9.83 -21.53
C LEU A 95 21.03 -11.03 -22.04
N LYS A 96 21.91 -10.80 -23.00
CA LYS A 96 22.60 -11.91 -23.68
C LYS A 96 23.29 -12.93 -22.74
N PRO A 97 23.96 -12.47 -21.66
CA PRO A 97 24.57 -13.48 -20.78
C PRO A 97 23.55 -14.39 -20.09
N LEU A 98 22.35 -13.87 -19.80
CA LEU A 98 21.33 -14.69 -19.17
C LEU A 98 20.85 -15.79 -20.12
N PHE A 99 20.62 -15.43 -21.38
CA PHE A 99 20.29 -16.43 -22.39
C PHE A 99 21.40 -17.47 -22.52
N ALA A 100 22.64 -17.01 -22.43
CA ALA A 100 23.80 -17.86 -22.66
C ALA A 100 23.98 -18.92 -21.56
N GLU A 101 23.50 -18.61 -20.36
CA GLU A 101 23.47 -19.57 -19.26
C GLU A 101 22.73 -20.85 -19.65
N PHE A 102 21.80 -20.71 -20.58
CA PHE A 102 20.91 -21.80 -20.95
C PHE A 102 21.17 -22.25 -22.37
N GLY A 103 22.34 -21.85 -22.89
CA GLY A 103 22.79 -22.28 -24.20
C GLY A 103 22.03 -21.62 -25.33
N ALA A 104 21.44 -20.47 -25.02
CA ALA A 104 20.55 -19.81 -25.98
C ALA A 104 21.05 -18.44 -26.38
N GLU A 105 20.50 -17.94 -27.48
CA GLU A 105 20.72 -16.57 -27.89
C GLU A 105 19.42 -15.81 -27.68
N PRO A 106 19.50 -14.47 -27.50
CA PRO A 106 18.29 -13.67 -27.42
C PRO A 106 17.53 -13.71 -28.76
N PRO A 107 16.22 -13.42 -28.72
CA PRO A 107 15.45 -13.34 -29.97
C PRO A 107 16.07 -12.27 -30.88
N VAL A 108 15.91 -12.41 -32.19
CA VAL A 108 16.54 -11.47 -33.12
C VAL A 108 15.81 -10.14 -33.19
N ARG A 109 14.55 -10.12 -32.74
CA ARG A 109 13.74 -8.91 -32.74
C ARG A 109 12.60 -9.08 -31.74
N LEU A 110 12.03 -7.97 -31.29
CA LEU A 110 10.91 -7.99 -30.36
C LEU A 110 9.63 -7.59 -31.07
N LYS A 111 8.50 -8.09 -30.55
CA LYS A 111 7.21 -7.88 -31.18
C LYS A 111 6.18 -7.31 -30.21
N ASN A 112 5.17 -6.66 -30.78
CA ASN A 112 4.09 -6.10 -30.01
C ASN A 112 3.09 -7.19 -29.65
N ILE A 113 3.45 -8.00 -28.65
CA ILE A 113 2.73 -9.26 -28.41
C ILE A 113 1.35 -9.10 -27.79
N TYR A 114 1.10 -7.99 -27.14
CA TYR A 114 -0.20 -7.72 -26.53
C TYR A 114 -0.80 -6.48 -27.17
N LEU A 115 -1.63 -6.67 -28.19
CA LEU A 115 -2.30 -5.54 -28.83
C LEU A 115 -3.34 -4.94 -27.90
N SER A 116 -3.25 -3.64 -27.72
CA SER A 116 -4.25 -2.91 -26.96
C SER A 116 -5.61 -2.92 -27.65
N PHE A 117 -6.67 -2.86 -26.86
CA PHE A 117 -8.02 -2.61 -27.36
C PHE A 117 -8.02 -1.37 -28.28
N LEU A 118 -7.15 -0.42 -27.99
CA LEU A 118 -7.09 0.83 -28.74
C LEU A 118 -6.42 0.67 -30.11
N GLU A 119 -5.79 -0.48 -30.38
CA GLU A 119 -5.11 -0.65 -31.67
C GLU A 119 -5.53 -1.89 -32.48
N ASP A 120 -6.40 -2.73 -31.93
CA ASP A 120 -6.93 -3.88 -32.67
C ASP A 120 -8.42 -3.70 -32.88
N PRO A 121 -8.82 -3.23 -34.07
CA PRO A 121 -10.22 -2.91 -34.33
C PRO A 121 -11.11 -4.13 -34.52
N THR A 122 -10.54 -5.34 -34.46
CA THR A 122 -11.34 -6.54 -34.62
C THR A 122 -11.96 -7.04 -33.30
N LEU A 123 -11.49 -6.51 -32.19
CA LEU A 123 -11.95 -6.98 -30.88
C LEU A 123 -13.37 -6.52 -30.54
N LEU A 124 -13.65 -5.23 -30.71
CA LEU A 124 -14.97 -4.70 -30.38
C LEU A 124 -16.12 -5.39 -31.13
N PRO A 125 -16.01 -5.52 -32.47
CA PRO A 125 -17.16 -6.17 -33.13
C PRO A 125 -17.37 -7.62 -32.68
N MET A 126 -16.29 -8.35 -32.41
CA MET A 126 -16.40 -9.71 -31.88
C MET A 126 -17.15 -9.72 -30.55
N LEU A 127 -16.80 -8.80 -29.66
CA LEU A 127 -17.48 -8.69 -28.37
C LEU A 127 -18.96 -8.34 -28.53
N LEU A 128 -19.26 -7.50 -29.52
CA LEU A 128 -20.64 -7.08 -29.75
C LEU A 128 -21.47 -8.24 -30.27
N GLU A 129 -20.83 -9.19 -30.93
CA GLU A 129 -21.50 -10.39 -31.43
C GLU A 129 -21.68 -11.44 -30.32
N GLU A 130 -20.64 -11.67 -29.53
CA GLU A 130 -20.68 -12.73 -28.51
C GLU A 130 -21.42 -12.32 -27.25
N ARG A 131 -21.42 -11.01 -26.98
CA ARG A 131 -22.12 -10.43 -25.83
C ARG A 131 -21.93 -11.16 -24.50
N PRO A 132 -20.70 -11.22 -23.99
CA PRO A 132 -20.54 -11.69 -22.61
C PRO A 132 -21.23 -10.72 -21.64
N ALA A 133 -21.58 -11.19 -20.45
CA ALA A 133 -22.30 -10.35 -19.49
C ALA A 133 -21.50 -9.12 -19.07
N ALA A 134 -20.18 -9.30 -18.96
CA ALA A 134 -19.32 -8.22 -18.53
C ALA A 134 -18.06 -8.18 -19.38
N VAL A 135 -17.64 -6.98 -19.72
CA VAL A 135 -16.36 -6.75 -20.37
C VAL A 135 -15.59 -5.78 -19.49
N SER A 136 -14.33 -6.10 -19.21
CA SER A 136 -13.51 -5.29 -18.34
C SER A 136 -12.24 -4.85 -19.04
N PHE A 137 -11.72 -3.70 -18.60
CA PHE A 137 -10.52 -3.12 -19.20
C PHE A 137 -9.47 -2.79 -18.14
N HIS A 138 -8.21 -3.00 -18.51
CA HIS A 138 -7.07 -2.76 -17.64
C HIS A 138 -6.09 -1.81 -18.34
N PHE A 139 -5.50 -0.87 -17.59
CA PHE A 139 -4.46 0.09 -18.02
C PHE A 139 -5.04 1.37 -18.62
N GLY A 140 -6.35 1.39 -18.82
CA GLY A 140 -6.99 2.57 -19.40
C GLY A 140 -8.45 2.32 -19.68
N ALA A 141 -9.17 3.36 -20.06
CA ALA A 141 -10.56 3.25 -20.45
C ALA A 141 -10.68 3.48 -21.94
N PRO A 142 -11.55 2.70 -22.61
CA PRO A 142 -11.82 2.96 -24.03
C PRO A 142 -12.57 4.27 -24.20
N PRO A 143 -12.62 4.79 -25.44
CA PRO A 143 -13.48 5.93 -25.72
C PRO A 143 -14.94 5.69 -25.29
N ARG A 144 -15.61 6.76 -24.88
CA ARG A 144 -16.99 6.69 -24.42
C ARG A 144 -17.92 6.01 -25.42
N ASP A 145 -17.72 6.27 -26.72
CA ASP A 145 -18.60 5.72 -27.74
C ASP A 145 -18.47 4.20 -27.86
N GLN A 146 -17.28 3.67 -27.55
CA GLN A 146 -17.08 2.23 -27.59
C GLN A 146 -17.68 1.57 -26.35
N VAL A 147 -17.51 2.20 -25.20
CA VAL A 147 -18.16 1.73 -23.98
C VAL A 147 -19.68 1.68 -24.18
N ARG A 148 -20.22 2.74 -24.80
CA ARG A 148 -21.65 2.81 -25.09
C ARG A 148 -22.11 1.73 -26.07
N ALA A 149 -21.27 1.40 -27.05
CA ALA A 149 -21.61 0.35 -28.00
C ALA A 149 -21.79 -1.00 -27.30
N LEU A 150 -20.88 -1.31 -26.37
CA LEU A 150 -20.99 -2.53 -25.58
C LEU A 150 -22.25 -2.53 -24.74
N GLN A 151 -22.54 -1.41 -24.11
CA GLN A 151 -23.71 -1.29 -23.25
C GLN A 151 -24.99 -1.33 -24.06
N ALA A 152 -24.90 -0.97 -25.35
CA ALA A 152 -26.07 -0.98 -26.23
C ALA A 152 -26.63 -2.39 -26.42
N VAL A 153 -25.75 -3.37 -26.38
CA VAL A 153 -26.20 -4.75 -26.30
C VAL A 153 -26.19 -5.08 -24.80
N GLY A 154 -26.18 -6.34 -24.40
CA GLY A 154 -26.36 -6.58 -22.97
C GLY A 154 -25.31 -6.12 -21.96
N ILE A 155 -24.15 -5.69 -22.44
CA ILE A 155 -22.91 -5.80 -21.66
C ILE A 155 -22.65 -4.75 -20.55
N ARG A 156 -22.26 -5.23 -19.36
CA ARG A 156 -21.79 -4.33 -18.30
C ARG A 156 -20.29 -4.09 -18.47
N VAL A 157 -19.85 -2.85 -18.33
CA VAL A 157 -18.45 -2.49 -18.56
C VAL A 157 -17.76 -2.06 -17.27
N LEU A 158 -16.67 -2.75 -16.95
CA LEU A 158 -15.83 -2.39 -15.80
C LEU A 158 -14.48 -1.87 -16.28
N VAL A 159 -13.93 -0.91 -15.54
CA VAL A 159 -12.56 -0.45 -15.82
C VAL A 159 -11.78 -0.32 -14.51
N CYS A 160 -10.54 -0.78 -14.53
CA CYS A 160 -9.68 -0.68 -13.36
C CYS A 160 -9.08 0.73 -13.22
N ALA A 161 -9.02 1.23 -12.00
CA ALA A 161 -8.36 2.50 -11.70
C ALA A 161 -7.54 2.35 -10.44
N THR A 162 -6.42 3.07 -10.35
CA THR A 162 -5.56 3.00 -9.16
C THR A 162 -5.56 4.29 -8.36
N THR A 163 -6.23 5.33 -8.85
CA THR A 163 -6.27 6.64 -8.18
C THR A 163 -7.61 7.29 -8.39
N PRO A 164 -7.97 8.26 -7.54
CA PRO A 164 -9.19 9.06 -7.80
C PRO A 164 -9.18 9.72 -9.19
N GLU A 165 -8.03 10.18 -9.66
CA GLU A 165 -7.94 10.82 -10.98
C GLU A 165 -8.28 9.83 -12.10
N GLU A 166 -7.76 8.60 -11.99
CA GLU A 166 -8.08 7.58 -12.96
C GLU A 166 -9.54 7.19 -12.88
N ALA A 167 -10.09 7.17 -11.67
CA ALA A 167 -11.51 6.85 -11.46
C ALA A 167 -12.40 7.90 -12.11
N ALA A 168 -11.98 9.16 -12.10
CA ALA A 168 -12.70 10.23 -12.80
C ALA A 168 -12.76 9.95 -14.30
N LEU A 169 -11.67 9.44 -14.85
CA LEU A 169 -11.64 9.10 -16.26
C LEU A 169 -12.55 7.90 -16.57
N VAL A 170 -12.65 6.97 -15.62
CA VAL A 170 -13.53 5.82 -15.80
C VAL A 170 -14.98 6.28 -15.84
N GLU A 171 -15.30 7.21 -14.93
CA GLU A 171 -16.62 7.82 -14.91
C GLU A 171 -16.93 8.53 -16.22
N ALA A 172 -15.96 9.28 -16.75
CA ALA A 172 -16.13 10.01 -18.00
C ALA A 172 -16.36 9.07 -19.19
N ALA A 173 -15.78 7.88 -19.10
CA ALA A 173 -15.90 6.89 -20.15
C ALA A 173 -17.27 6.22 -20.15
N GLY A 174 -18.04 6.42 -19.07
CA GLY A 174 -19.38 5.89 -18.98
C GLY A 174 -19.50 4.46 -18.47
N ALA A 175 -18.44 3.97 -17.83
CA ALA A 175 -18.43 2.59 -17.32
C ALA A 175 -19.47 2.33 -16.24
N ASP A 176 -19.87 1.07 -16.08
CA ASP A 176 -20.85 0.68 -15.08
C ASP A 176 -20.26 0.57 -13.68
N ALA A 177 -18.97 0.28 -13.61
CA ALA A 177 -18.30 0.14 -12.31
C ALA A 177 -16.81 0.35 -12.46
N VAL A 178 -16.17 0.77 -11.36
CA VAL A 178 -14.72 0.94 -11.33
C VAL A 178 -14.13 -0.15 -10.44
N VAL A 179 -13.06 -0.78 -10.94
CA VAL A 179 -12.31 -1.74 -10.13
C VAL A 179 -11.14 -0.98 -9.51
N ALA A 180 -11.24 -0.76 -8.20
CA ALA A 180 -10.25 -0.01 -7.45
C ALA A 180 -9.09 -0.93 -7.07
N GLN A 181 -7.97 -0.80 -7.77
CA GLN A 181 -6.84 -1.67 -7.52
C GLN A 181 -5.83 -1.01 -6.60
N GLY A 182 -5.69 -1.58 -5.41
CA GLY A 182 -4.76 -1.09 -4.41
C GLY A 182 -3.36 -1.59 -4.65
N ILE A 183 -2.39 -0.98 -3.94
CA ILE A 183 -0.99 -1.35 -4.09
C ILE A 183 -0.75 -2.82 -3.73
N GLU A 184 -1.63 -3.38 -2.90
CA GLU A 184 -1.56 -4.81 -2.51
C GLU A 184 -1.66 -5.76 -3.70
N ALA A 185 -2.30 -5.32 -4.78
CA ALA A 185 -2.69 -6.26 -5.84
C ALA A 185 -1.54 -6.94 -6.52
N GLY A 186 -1.75 -8.20 -6.88
CA GLY A 186 -0.81 -8.94 -7.69
C GLY A 186 -0.91 -8.58 -9.16
N GLY A 187 0.14 -8.90 -9.91
CA GLY A 187 0.14 -8.70 -11.36
C GLY A 187 0.48 -7.28 -11.76
N CYS A 188 0.22 -6.94 -13.02
CA CYS A 188 0.61 -5.63 -13.53
C CYS A 188 -0.33 -4.54 -12.97
N ARG A 189 0.27 -3.45 -12.49
CA ARG A 189 -0.54 -2.37 -11.94
C ARG A 189 -1.34 -1.63 -13.01
N GLY A 190 -2.57 -1.25 -12.68
CA GLY A 190 -3.46 -0.63 -13.65
C GLY A 190 -3.22 0.85 -13.89
N VAL A 191 -2.02 1.33 -13.58
CA VAL A 191 -1.69 2.75 -13.74
C VAL A 191 -1.82 3.18 -15.20
N PHE A 192 -2.55 4.27 -15.47
CA PHE A 192 -2.82 4.67 -16.86
C PHE A 192 -1.57 5.18 -17.55
N GLU A 193 -0.87 6.09 -16.87
CA GLU A 193 0.29 6.79 -17.41
C GLU A 193 1.46 6.68 -16.45
N PRO A 194 2.17 5.54 -16.46
CA PRO A 194 3.20 5.34 -15.44
C PRO A 194 4.37 6.32 -15.55
N GLU A 195 4.55 6.94 -16.71
CA GLU A 195 5.62 7.93 -16.85
C GLU A 195 5.38 9.16 -15.97
N ARG A 196 4.15 9.34 -15.50
CA ARG A 196 3.84 10.43 -14.59
C ARG A 196 4.05 10.04 -13.14
N GLY A 197 4.47 8.80 -12.91
CA GLY A 197 4.70 8.30 -11.58
C GLY A 197 3.59 7.36 -11.13
N ASP A 198 3.67 6.91 -9.89
CA ASP A 198 2.71 5.96 -9.32
C ASP A 198 2.39 6.39 -7.90
N ALA A 199 1.17 6.87 -7.66
CA ALA A 199 0.74 7.27 -6.32
C ALA A 199 0.77 6.09 -5.34
N ALA A 200 0.69 4.87 -5.89
CA ALA A 200 0.80 3.64 -5.09
C ALA A 200 -0.08 3.67 -3.84
N ILE A 201 -1.38 3.85 -4.06
CA ILE A 201 -2.35 3.96 -2.97
C ILE A 201 -2.80 2.57 -2.50
N GLY A 202 -2.77 2.34 -1.19
CA GLY A 202 -3.22 1.10 -0.61
C GLY A 202 -4.73 0.88 -0.79
N THR A 203 -5.15 -0.37 -0.82
CA THR A 203 -6.56 -0.71 -0.98
C THR A 203 -7.48 -0.02 0.03
N LEU A 204 -7.08 0.01 1.30
CA LEU A 204 -7.95 0.55 2.34
C LEU A 204 -8.23 2.03 2.08
N ALA A 205 -7.20 2.77 1.68
CA ALA A 205 -7.41 4.19 1.35
C ALA A 205 -8.15 4.34 0.03
N LEU A 206 -7.71 3.63 -1.01
CA LEU A 206 -8.30 3.81 -2.34
C LEU A 206 -9.79 3.48 -2.40
N VAL A 207 -10.18 2.34 -1.84
CA VAL A 207 -11.60 1.98 -1.82
C VAL A 207 -12.45 3.02 -1.08
N ARG A 208 -11.97 3.47 0.07
CA ARG A 208 -12.72 4.48 0.83
C ARG A 208 -12.84 5.78 0.03
N LEU A 209 -11.75 6.19 -0.61
CA LEU A 209 -11.76 7.43 -1.37
C LEU A 209 -12.73 7.36 -2.55
N LEU A 210 -12.74 6.24 -3.25
CA LEU A 210 -13.62 6.14 -4.41
C LEU A 210 -15.08 5.96 -3.98
N ALA A 211 -15.33 5.25 -2.89
CA ALA A 211 -16.71 5.09 -2.42
C ALA A 211 -17.28 6.41 -1.90
N ALA A 212 -16.43 7.19 -1.23
CA ALA A 212 -16.87 8.42 -0.57
C ALA A 212 -17.04 9.59 -1.52
N ARG A 213 -16.05 9.81 -2.37
CA ARG A 213 -16.02 10.99 -3.23
C ARG A 213 -16.20 10.62 -4.69
N GLY A 214 -16.82 9.47 -4.93
CA GLY A 214 -17.02 8.98 -6.27
C GLY A 214 -18.48 8.68 -6.61
N SER A 215 -18.72 8.25 -7.85
CA SER A 215 -20.07 8.07 -8.38
C SER A 215 -20.46 6.60 -8.60
N LEU A 216 -19.53 5.83 -9.16
CA LEU A 216 -19.77 4.46 -9.59
C LEU A 216 -19.68 3.43 -8.47
N PRO A 217 -20.32 2.27 -8.65
CA PRO A 217 -20.03 1.15 -7.75
C PRO A 217 -18.55 0.83 -7.80
N VAL A 218 -17.99 0.50 -6.63
CA VAL A 218 -16.54 0.27 -6.48
C VAL A 218 -16.29 -1.19 -6.18
N VAL A 219 -15.48 -1.82 -7.04
CA VAL A 219 -15.05 -3.20 -6.82
C VAL A 219 -13.65 -3.17 -6.24
N ALA A 220 -13.50 -3.61 -4.99
CA ALA A 220 -12.22 -3.58 -4.27
C ALA A 220 -11.30 -4.69 -4.77
N ALA A 221 -10.07 -4.34 -5.16
CA ALA A 221 -9.12 -5.33 -5.66
C ALA A 221 -7.76 -5.10 -5.05
N GLY A 222 -7.23 -6.12 -4.38
CA GLY A 222 -5.86 -6.04 -3.90
C GLY A 222 -5.72 -6.44 -2.45
N GLY A 223 -5.21 -7.65 -2.22
CA GLY A 223 -4.91 -8.11 -0.88
C GLY A 223 -6.03 -8.86 -0.18
N ILE A 224 -7.16 -9.01 -0.86
CA ILE A 224 -8.32 -9.67 -0.27
C ILE A 224 -8.25 -11.18 -0.49
N MET A 225 -8.21 -11.95 0.60
CA MET A 225 -7.93 -13.38 0.56
C MET A 225 -8.97 -14.23 1.27
N ASP A 226 -9.89 -13.60 1.98
CA ASP A 226 -10.87 -14.33 2.76
C ASP A 226 -12.10 -13.47 3.05
N GLY A 227 -13.12 -14.07 3.67
CA GLY A 227 -14.35 -13.34 3.92
C GLY A 227 -14.20 -12.11 4.82
N ARG A 228 -13.24 -12.15 5.73
CA ARG A 228 -12.96 -10.99 6.57
C ARG A 228 -12.49 -9.81 5.71
N GLY A 229 -11.63 -10.08 4.73
CA GLY A 229 -11.20 -9.06 3.79
C GLY A 229 -12.34 -8.51 2.94
N ILE A 230 -13.26 -9.40 2.53
CA ILE A 230 -14.44 -8.95 1.81
C ILE A 230 -15.30 -8.05 2.69
N ARG A 231 -15.55 -8.48 3.94
CA ARG A 231 -16.33 -7.67 4.86
C ARG A 231 -15.68 -6.31 5.09
N ALA A 232 -14.36 -6.29 5.21
CA ALA A 232 -13.66 -5.02 5.39
C ALA A 232 -13.85 -4.10 4.18
N ALA A 233 -13.75 -4.66 2.98
CA ALA A 233 -13.96 -3.90 1.75
C ALA A 233 -15.37 -3.32 1.72
N LEU A 234 -16.34 -4.12 2.16
CA LEU A 234 -17.72 -3.65 2.17
C LEU A 234 -17.89 -2.52 3.18
N GLU A 235 -17.25 -2.63 4.35
CA GLU A 235 -17.33 -1.55 5.32
C GLU A 235 -16.80 -0.24 4.76
N LEU A 236 -15.78 -0.33 3.91
CA LEU A 236 -15.17 0.85 3.31
C LEU A 236 -16.06 1.48 2.25
N GLY A 237 -17.07 0.73 1.82
CA GLY A 237 -18.03 1.24 0.85
C GLY A 237 -18.02 0.55 -0.49
N ALA A 238 -17.24 -0.50 -0.64
CA ALA A 238 -17.22 -1.25 -1.89
C ALA A 238 -18.57 -1.96 -2.13
N SER A 239 -18.85 -2.22 -3.41
CA SER A 239 -20.05 -2.95 -3.82
C SER A 239 -19.75 -4.42 -4.11
N ALA A 240 -18.46 -4.72 -4.26
CA ALA A 240 -18.02 -6.07 -4.60
C ALA A 240 -16.51 -6.16 -4.40
N VAL A 241 -15.95 -7.35 -4.58
CA VAL A 241 -14.50 -7.54 -4.57
C VAL A 241 -14.04 -8.27 -5.82
N GLN A 242 -12.78 -8.04 -6.18
CA GLN A 242 -12.12 -8.76 -7.25
C GLN A 242 -10.85 -9.38 -6.67
N MET A 243 -10.73 -10.69 -6.81
CA MET A 243 -9.68 -11.47 -6.16
C MET A 243 -8.91 -12.32 -7.17
N GLY A 244 -7.61 -12.12 -7.26
CA GLY A 244 -6.78 -12.88 -8.20
C GLY A 244 -5.96 -13.94 -7.49
N THR A 245 -5.06 -13.47 -6.63
CA THR A 245 -4.11 -14.36 -5.94
C THR A 245 -4.81 -15.53 -5.26
N ALA A 246 -5.96 -15.26 -4.67
CA ALA A 246 -6.71 -16.31 -3.96
C ALA A 246 -7.11 -17.48 -4.85
N PHE A 247 -7.23 -17.26 -6.16
CA PHE A 247 -7.70 -18.30 -7.09
C PHE A 247 -6.57 -18.96 -7.88
N VAL A 248 -5.34 -18.49 -7.70
CA VAL A 248 -4.21 -19.02 -8.48
C VAL A 248 -3.97 -20.50 -8.20
N LEU A 249 -4.09 -20.91 -6.93
CA LEU A 249 -3.84 -22.31 -6.57
C LEU A 249 -5.01 -23.25 -6.88
N CYS A 250 -6.13 -22.71 -7.35
CA CYS A 250 -7.25 -23.58 -7.73
C CYS A 250 -6.79 -24.54 -8.80
N PRO A 251 -7.23 -25.80 -8.72
CA PRO A 251 -6.81 -26.79 -9.74
C PRO A 251 -7.27 -26.43 -11.15
N GLU A 252 -8.32 -25.62 -11.26
CA GLU A 252 -8.85 -25.20 -12.56
C GLU A 252 -7.99 -24.14 -13.25
N SER A 253 -7.09 -23.50 -12.51
CA SER A 253 -6.23 -22.46 -13.11
C SER A 253 -5.13 -23.11 -13.94
N SER A 254 -4.47 -22.31 -14.78
CA SER A 254 -3.38 -22.83 -15.58
C SER A 254 -2.00 -22.46 -15.03
N ALA A 255 -1.92 -22.14 -13.74
CA ALA A 255 -0.61 -21.99 -13.09
C ALA A 255 0.14 -23.32 -13.19
N ASN A 256 1.43 -23.25 -13.50
CA ASN A 256 2.17 -24.52 -13.59
C ASN A 256 2.65 -24.96 -12.21
N ALA A 257 3.27 -26.13 -12.15
CA ALA A 257 3.67 -26.71 -10.87
C ALA A 257 4.66 -25.83 -10.10
N ALA A 258 5.61 -25.24 -10.82
CA ALA A 258 6.58 -24.38 -10.15
C ALA A 258 5.88 -23.17 -9.50
N TYR A 259 4.91 -22.61 -10.21
CA TYR A 259 4.15 -21.46 -9.70
C TYR A 259 3.37 -21.86 -8.44
N ARG A 260 2.68 -22.99 -8.49
CA ARG A 260 1.94 -23.46 -7.31
C ARG A 260 2.87 -23.71 -6.12
N GLU A 261 4.01 -24.35 -6.37
CA GLU A 261 4.99 -24.63 -5.32
C GLU A 261 5.52 -23.33 -4.70
N ALA A 262 5.81 -22.36 -5.55
CA ALA A 262 6.29 -21.06 -5.10
C ALA A 262 5.29 -20.37 -4.18
N LEU A 263 4.03 -20.35 -4.60
CA LEU A 263 3.00 -19.63 -3.87
C LEU A 263 2.62 -20.35 -2.57
N LYS A 264 2.80 -21.67 -2.54
CA LYS A 264 2.49 -22.44 -1.33
C LYS A 264 3.60 -22.38 -0.28
N GLY A 265 4.83 -22.10 -0.72
CA GLY A 265 5.98 -22.17 0.15
C GLY A 265 6.42 -20.85 0.75
N PRO A 266 7.67 -20.82 1.26
CA PRO A 266 8.18 -19.67 2.01
C PRO A 266 8.33 -18.39 1.18
N ARG A 267 8.49 -18.50 -0.14
CA ARG A 267 8.59 -17.29 -0.96
C ARG A 267 7.32 -16.44 -0.90
N ALA A 268 6.20 -17.05 -0.55
CA ALA A 268 4.94 -16.30 -0.45
C ALA A 268 4.97 -15.24 0.64
N ALA A 269 6.01 -15.28 1.48
CA ALA A 269 6.15 -14.30 2.56
C ALA A 269 6.47 -12.90 2.05
N ARG A 270 6.96 -12.78 0.82
CA ARG A 270 7.35 -11.46 0.35
C ARG A 270 7.14 -11.28 -1.15
N THR A 271 6.40 -10.24 -1.50
CA THR A 271 6.26 -9.85 -2.90
C THR A 271 6.99 -8.55 -3.13
N ALA A 272 7.22 -8.22 -4.39
CA ALA A 272 7.87 -6.96 -4.75
C ALA A 272 7.37 -6.50 -6.10
N LEU A 273 7.61 -5.23 -6.41
CA LEU A 273 7.28 -4.67 -7.71
C LEU A 273 8.48 -4.70 -8.63
N THR A 274 8.22 -4.93 -9.91
CA THR A 274 9.29 -4.91 -10.93
C THR A 274 8.76 -4.33 -12.24
N VAL A 275 9.60 -3.59 -12.94
CA VAL A 275 9.26 -3.14 -14.29
C VAL A 275 10.02 -3.94 -15.34
N THR A 276 10.99 -4.74 -14.90
CA THR A 276 11.90 -5.39 -15.85
C THR A 276 11.36 -6.71 -16.42
N MET A 277 10.26 -7.21 -15.85
CA MET A 277 9.62 -8.40 -16.37
C MET A 277 8.83 -8.11 -17.65
N SER A 278 7.97 -7.09 -17.59
CA SER A 278 7.02 -6.81 -18.67
C SER A 278 7.19 -5.45 -19.31
N GLY A 279 7.86 -4.54 -18.60
CA GLY A 279 7.96 -3.17 -19.05
C GLY A 279 6.97 -2.26 -18.34
N ARG A 280 6.08 -2.86 -17.54
CA ARG A 280 5.12 -2.11 -16.71
C ARG A 280 5.21 -2.63 -15.29
N SER A 281 5.05 -1.73 -14.31
CA SER A 281 5.17 -2.10 -12.90
C SER A 281 4.19 -3.22 -12.54
N ALA A 282 4.71 -4.29 -11.94
CA ALA A 282 3.93 -5.49 -11.64
C ALA A 282 4.43 -6.14 -10.37
N ARG A 283 3.51 -6.76 -9.63
CA ARG A 283 3.83 -7.38 -8.35
C ARG A 283 3.85 -8.90 -8.40
N GLY A 284 4.93 -9.50 -7.91
CA GLY A 284 4.98 -10.94 -7.79
C GLY A 284 6.07 -11.41 -6.85
N LEU A 285 6.30 -12.72 -6.85
CA LEU A 285 7.35 -13.33 -6.03
C LEU A 285 8.71 -13.09 -6.68
N PRO A 286 9.59 -12.32 -6.02
CA PRO A 286 10.79 -11.86 -6.71
C PRO A 286 11.75 -13.00 -7.07
N ASN A 287 12.36 -12.87 -8.25
CA ASN A 287 13.34 -13.84 -8.71
C ASN A 287 14.38 -13.13 -9.57
N ARG A 288 15.02 -13.84 -10.49
CA ARG A 288 16.13 -13.24 -11.22
C ARG A 288 15.69 -12.17 -12.23
N MET A 289 14.40 -12.14 -12.59
CA MET A 289 13.87 -11.09 -13.46
C MET A 289 13.54 -9.80 -12.72
N PHE A 290 13.73 -9.79 -11.40
CA PHE A 290 13.46 -8.62 -10.57
C PHE A 290 14.75 -7.87 -10.27
N PHE A 291 15.19 -7.01 -11.15
CA PHE A 291 16.40 -6.25 -10.88
C PHE A 291 16.14 -4.76 -11.02
N ASP A 292 17.12 -3.96 -10.63
CA ASP A 292 16.98 -2.51 -10.63
C ASP A 292 17.25 -1.95 -12.02
N ALA A 293 16.21 -1.36 -12.64
CA ALA A 293 16.31 -0.83 -13.99
C ALA A 293 17.16 0.43 -14.04
N ALA A 294 17.42 1.02 -12.87
CA ALA A 294 18.17 2.26 -12.79
C ALA A 294 19.60 2.02 -12.32
N ALA A 295 19.97 0.74 -12.20
CA ALA A 295 21.33 0.36 -11.81
C ALA A 295 22.32 0.72 -12.93
N PRO A 296 23.57 1.03 -12.56
CA PRO A 296 24.56 1.41 -13.57
C PRO A 296 24.80 0.30 -14.59
N GLY A 297 24.82 0.67 -15.87
CA GLY A 297 25.05 -0.30 -16.92
C GLY A 297 23.78 -0.81 -17.56
N VAL A 298 22.67 -0.68 -16.85
CA VAL A 298 21.37 -1.10 -17.39
C VAL A 298 20.90 -0.08 -18.43
N PRO A 299 20.69 -0.54 -19.68
CA PRO A 299 20.26 0.39 -20.73
C PRO A 299 18.81 0.81 -20.55
N PRO A 300 18.37 1.87 -21.24
CA PRO A 300 16.98 2.31 -21.18
C PRO A 300 16.00 1.18 -21.51
N LEU A 301 14.94 1.10 -20.72
CA LEU A 301 13.91 0.09 -20.89
C LEU A 301 13.09 0.32 -22.16
N PRO A 302 12.91 -0.72 -22.99
CA PRO A 302 11.97 -0.56 -24.11
C PRO A 302 10.52 -0.37 -23.62
N ASP A 303 9.62 -0.09 -24.54
CA ASP A 303 8.24 0.14 -24.18
C ASP A 303 7.54 -1.17 -23.82
N TYR A 304 6.48 -1.07 -23.03
CA TYR A 304 5.53 -2.16 -22.88
C TYR A 304 4.76 -2.32 -24.21
N PRO A 305 4.53 -3.56 -24.67
CA PRO A 305 4.85 -4.87 -24.09
C PRO A 305 6.07 -5.56 -24.72
N PHE A 306 6.89 -4.81 -25.46
CA PHE A 306 8.07 -5.38 -26.07
C PHE A 306 9.01 -5.99 -25.03
N VAL A 307 9.14 -5.35 -23.88
CA VAL A 307 9.97 -5.92 -22.81
C VAL A 307 9.51 -7.32 -22.44
N TYR A 308 8.19 -7.51 -22.35
CA TYR A 308 7.68 -8.82 -21.99
C TYR A 308 7.98 -9.86 -23.05
N ASP A 309 8.00 -9.46 -24.32
CA ASP A 309 8.37 -10.38 -25.39
C ASP A 309 9.80 -10.88 -25.18
N ALA A 310 10.68 -9.98 -24.78
CA ALA A 310 12.06 -10.37 -24.49
C ALA A 310 12.10 -11.33 -23.30
N THR A 311 11.38 -10.98 -22.24
CA THR A 311 11.36 -11.82 -21.05
C THR A 311 10.79 -13.21 -21.31
N LYS A 312 9.71 -13.27 -22.10
CA LYS A 312 9.12 -14.56 -22.45
C LYS A 312 10.11 -15.44 -23.20
N ALA A 313 10.93 -14.84 -24.05
CA ALA A 313 11.96 -15.61 -24.74
C ALA A 313 12.97 -16.18 -23.75
N LEU A 314 13.35 -15.39 -22.75
CA LEU A 314 14.29 -15.86 -21.75
C LEU A 314 13.67 -16.94 -20.86
N GLN A 315 12.40 -16.75 -20.50
CA GLN A 315 11.66 -17.74 -19.74
C GLN A 315 11.62 -19.07 -20.48
N THR A 316 11.43 -18.99 -21.79
CA THR A 316 11.39 -20.19 -22.63
C THR A 316 12.72 -20.92 -22.61
N ALA A 317 13.81 -20.16 -22.71
CA ALA A 317 15.14 -20.75 -22.72
C ALA A 317 15.47 -21.37 -21.36
N ALA A 318 15.06 -20.70 -20.28
CA ALA A 318 15.32 -21.23 -18.95
C ALA A 318 14.50 -22.48 -18.69
N LEU A 319 13.23 -22.45 -19.09
CA LEU A 319 12.32 -23.57 -18.89
C LEU A 319 12.79 -24.81 -19.67
N ALA A 320 13.47 -24.57 -20.78
CA ALA A 320 14.02 -25.66 -21.60
C ALA A 320 15.22 -26.33 -20.95
N ARG A 321 15.69 -25.78 -19.83
CA ARG A 321 16.75 -26.43 -19.06
C ARG A 321 16.28 -26.71 -17.64
N GLY A 322 14.97 -26.62 -17.42
CA GLY A 322 14.37 -26.96 -16.14
C GLY A 322 14.51 -25.86 -15.09
N ASN A 323 14.78 -24.65 -15.54
CA ASN A 323 15.03 -23.53 -14.64
C ASN A 323 13.82 -22.58 -14.60
N HIS A 324 13.30 -22.35 -13.40
CA HIS A 324 12.08 -21.57 -13.20
C HIS A 324 12.36 -20.22 -12.56
N ASP A 325 13.63 -19.81 -12.52
CA ASP A 325 14.01 -18.60 -11.78
C ASP A 325 13.72 -17.30 -12.52
N PHE A 326 13.07 -17.38 -13.68
CA PHE A 326 12.74 -16.19 -14.45
C PHE A 326 11.23 -16.07 -14.68
N ALA A 327 10.47 -16.99 -14.10
CA ALA A 327 9.03 -17.06 -14.32
C ALA A 327 8.29 -15.85 -13.78
N ALA A 328 7.14 -15.57 -14.38
CA ALA A 328 6.24 -14.54 -13.87
C ALA A 328 5.26 -15.18 -12.88
N GLN A 329 5.61 -15.13 -11.60
CA GLN A 329 4.79 -15.73 -10.57
C GLN A 329 4.12 -14.59 -9.81
N TRP A 330 3.10 -14.03 -10.44
CA TRP A 330 2.41 -12.89 -9.87
C TRP A 330 1.63 -13.26 -8.61
N ALA A 331 1.59 -12.33 -7.65
CA ALA A 331 0.97 -12.57 -6.37
C ALA A 331 0.81 -11.25 -5.64
N GLY A 332 -0.31 -11.11 -4.93
CA GLY A 332 -0.57 -9.91 -4.16
C GLY A 332 0.00 -10.00 -2.75
N GLN A 333 -0.16 -8.94 -1.98
CA GLN A 333 0.48 -8.86 -0.67
C GLN A 333 -0.22 -9.73 0.38
N GLY A 334 -1.35 -10.32 0.02
CA GLY A 334 -1.98 -11.33 0.88
C GLY A 334 -1.58 -12.75 0.53
N ALA A 335 -0.51 -12.91 -0.26
CA ALA A 335 -0.11 -14.23 -0.77
C ALA A 335 0.06 -15.28 0.32
N ALA A 336 0.56 -14.90 1.50
CA ALA A 336 0.77 -15.88 2.55
C ALA A 336 -0.52 -16.52 3.04
N LEU A 337 -1.66 -15.92 2.70
CA LEU A 337 -2.97 -16.43 3.09
C LEU A 337 -3.62 -17.29 2.00
N ALA A 338 -2.86 -17.63 0.97
CA ALA A 338 -3.38 -18.42 -0.13
C ALA A 338 -3.81 -19.81 0.33
N ARG A 339 -4.90 -20.29 -0.26
CA ARG A 339 -5.43 -21.63 -0.01
C ARG A 339 -5.50 -22.37 -1.33
N GLU A 340 -5.43 -23.71 -1.25
CA GLU A 340 -5.51 -24.57 -2.44
C GLU A 340 -6.81 -25.37 -2.39
N LEU A 341 -7.81 -24.93 -3.16
CA LEU A 341 -9.15 -25.51 -3.14
C LEU A 341 -9.75 -25.50 -4.53
N PRO A 342 -10.58 -26.49 -4.86
CA PRO A 342 -11.40 -26.37 -6.06
C PRO A 342 -12.11 -25.01 -6.06
N ALA A 343 -12.19 -24.36 -7.20
CA ALA A 343 -12.67 -22.98 -7.25
C ALA A 343 -14.08 -22.80 -6.71
N ALA A 344 -14.97 -23.77 -7.00
CA ALA A 344 -16.32 -23.72 -6.47
C ALA A 344 -16.31 -23.79 -4.94
N GLU A 345 -15.49 -24.68 -4.39
CA GLU A 345 -15.35 -24.76 -2.93
C GLU A 345 -14.77 -23.46 -2.35
N LEU A 346 -13.77 -22.89 -3.02
CA LEU A 346 -13.25 -21.62 -2.54
C LEU A 346 -14.34 -20.54 -2.57
N LEU A 347 -15.10 -20.45 -3.65
CA LEU A 347 -16.17 -19.45 -3.71
C LEU A 347 -17.15 -19.65 -2.55
N ARG A 348 -17.59 -20.87 -2.32
CA ARG A 348 -18.52 -21.16 -1.23
C ARG A 348 -17.93 -20.81 0.12
N THR A 349 -16.66 -21.11 0.29
CA THR A 349 -15.96 -20.84 1.55
C THR A 349 -15.91 -19.34 1.81
N LEU A 350 -15.60 -18.57 0.76
CA LEU A 350 -15.59 -17.12 0.89
C LEU A 350 -16.96 -16.57 1.29
N VAL A 351 -18.03 -17.13 0.72
CA VAL A 351 -19.38 -16.68 1.05
C VAL A 351 -19.72 -16.99 2.50
N GLU A 352 -19.34 -18.18 2.98
CA GLU A 352 -19.57 -18.52 4.38
C GLU A 352 -18.80 -17.58 5.29
N GLU A 353 -17.56 -17.27 4.93
CA GLU A 353 -16.77 -16.33 5.70
C GLU A 353 -17.35 -14.91 5.67
N LEU A 354 -17.89 -14.51 4.52
CA LEU A 354 -18.52 -13.20 4.37
C LEU A 354 -19.77 -13.05 5.25
N ARG A 355 -20.52 -14.13 5.39
CA ARG A 355 -21.75 -14.09 6.17
C ARG A 355 -21.48 -13.98 7.66
N GLY A 356 -20.36 -14.55 8.10
CA GLY A 356 -19.97 -14.50 9.49
C GLY A 356 -20.82 -15.41 10.37
N THR B 7 -11.96 -8.16 20.53
CA THR B 7 -12.88 -7.05 20.28
C THR B 7 -12.92 -6.11 21.49
N ASP B 8 -12.90 -6.66 22.70
CA ASP B 8 -12.61 -5.87 23.88
C ASP B 8 -11.18 -6.16 24.27
N ARG B 9 -10.47 -6.82 23.35
CA ARG B 9 -9.12 -7.26 23.61
C ARG B 9 -8.19 -6.12 23.94
N PHE B 10 -8.25 -5.04 23.16
CA PHE B 10 -7.36 -3.91 23.43
C PHE B 10 -7.92 -2.98 24.52
N THR B 11 -9.23 -2.74 24.51
CA THR B 11 -9.80 -1.81 25.48
C THR B 11 -9.61 -2.31 26.92
N ARG B 12 -9.74 -3.62 27.11
CA ARG B 12 -9.51 -4.21 28.43
C ARG B 12 -8.03 -4.16 28.81
N LEU B 13 -7.17 -4.38 27.82
CA LEU B 13 -5.72 -4.30 28.03
C LEU B 13 -5.31 -2.94 28.59
N LEU B 14 -5.94 -1.87 28.09
CA LEU B 14 -5.53 -0.51 28.41
C LEU B 14 -6.43 0.18 29.43
N GLY B 15 -7.55 -0.45 29.78
CA GLY B 15 -8.50 0.16 30.69
C GLY B 15 -9.18 1.39 30.10
N ILE B 16 -9.46 1.35 28.79
CA ILE B 16 -10.12 2.47 28.12
C ILE B 16 -11.47 2.03 27.54
N GLN B 17 -12.30 2.99 27.16
CA GLN B 17 -13.64 2.67 26.67
C GLN B 17 -13.71 2.43 25.16
N GLN B 18 -12.84 3.09 24.40
CA GLN B 18 -12.89 3.05 22.94
C GLN B 18 -11.57 2.54 22.35
N PRO B 19 -11.67 1.67 21.33
CA PRO B 19 -10.47 1.07 20.71
C PRO B 19 -9.81 2.00 19.71
N ILE B 20 -9.55 3.22 20.15
CA ILE B 20 -9.04 4.26 19.26
C ILE B 20 -7.87 4.96 19.91
N ILE B 21 -6.72 4.87 19.27
CA ILE B 21 -5.54 5.60 19.71
C ILE B 21 -5.35 6.83 18.81
N GLN B 22 -5.25 8.01 19.41
CA GLN B 22 -4.78 9.18 18.67
C GLN B 22 -3.27 9.03 18.58
N ALA B 23 -2.74 8.96 17.36
CA ALA B 23 -1.32 8.61 17.19
C ALA B 23 -0.38 9.63 17.83
N PRO B 24 0.70 9.13 18.46
CA PRO B 24 1.76 10.06 18.83
C PRO B 24 2.35 10.66 17.57
N MET B 25 2.59 11.96 17.58
CA MET B 25 3.02 12.65 16.40
C MET B 25 4.00 13.74 16.79
N LEU B 26 5.30 13.44 16.71
CA LEU B 26 6.30 14.40 17.17
C LEU B 26 6.14 15.72 16.42
N GLY B 27 5.98 16.80 17.19
CA GLY B 27 5.79 18.12 16.61
C GLY B 27 4.34 18.48 16.34
N VAL B 28 3.43 17.51 16.52
CA VAL B 28 2.01 17.73 16.24
C VAL B 28 1.11 17.37 17.42
N SER B 29 1.37 16.22 18.05
CA SER B 29 0.61 15.90 19.25
C SER B 29 1.08 16.77 20.40
N THR B 30 0.17 17.02 21.35
CA THR B 30 0.43 17.84 22.52
C THR B 30 -0.20 17.19 23.75
N PRO B 31 0.24 17.59 24.96
CA PRO B 31 -0.48 17.12 26.14
C PRO B 31 -1.99 17.41 26.08
N ALA B 32 -2.36 18.57 25.53
CA ALA B 32 -3.77 18.91 25.43
C ALA B 32 -4.53 17.97 24.48
N LEU B 33 -3.90 17.64 23.36
CA LEU B 33 -4.53 16.73 22.41
C LEU B 33 -4.72 15.36 23.04
N ALA B 34 -3.65 14.85 23.65
CA ALA B 34 -3.68 13.54 24.29
C ALA B 34 -4.76 13.48 25.37
N ALA B 35 -4.80 14.51 26.21
CA ALA B 35 -5.78 14.56 27.30
C ALA B 35 -7.23 14.63 26.78
N ALA B 36 -7.46 15.39 25.72
CA ALA B 36 -8.81 15.47 25.15
C ALA B 36 -9.28 14.12 24.66
N VAL B 37 -8.38 13.37 24.03
CA VAL B 37 -8.74 12.06 23.50
C VAL B 37 -8.97 11.05 24.62
N SER B 38 -8.08 11.04 25.61
CA SER B 38 -8.21 10.13 26.75
C SER B 38 -9.47 10.44 27.58
N ASN B 39 -9.75 11.72 27.74
CA ASN B 39 -10.94 12.13 28.51
C ASN B 39 -12.21 11.72 27.77
N ALA B 40 -12.15 11.65 26.44
CA ALA B 40 -13.30 11.28 25.63
C ALA B 40 -13.47 9.77 25.54
N GLY B 41 -12.51 9.01 26.07
CA GLY B 41 -12.66 7.56 26.12
C GLY B 41 -11.70 6.76 25.28
N GLY B 42 -10.89 7.44 24.47
CA GLY B 42 -9.86 6.76 23.70
C GLY B 42 -8.51 6.74 24.40
N LEU B 43 -7.44 6.49 23.63
CA LEU B 43 -6.09 6.57 24.16
C LEU B 43 -5.33 7.71 23.50
N GLY B 44 -5.16 8.82 24.21
CA GLY B 44 -4.38 9.93 23.73
C GLY B 44 -2.90 9.60 23.82
N SER B 45 -2.09 10.24 23.00
CA SER B 45 -0.66 9.97 22.96
C SER B 45 0.21 11.22 22.80
N ILE B 46 1.38 11.20 23.44
CA ILE B 46 2.41 12.18 23.15
C ILE B 46 3.68 11.48 22.73
N ALA B 47 4.53 12.23 22.05
CA ALA B 47 5.83 11.73 21.62
C ALA B 47 6.89 12.55 22.33
N ILE B 48 7.86 11.89 22.94
CA ILE B 48 8.85 12.66 23.72
C ILE B 48 10.29 12.50 23.25
N THR B 49 10.50 11.80 22.14
CA THR B 49 11.84 11.75 21.58
C THR B 49 12.32 13.16 21.19
N GLY B 50 13.61 13.42 21.35
CA GLY B 50 14.17 14.72 21.01
C GLY B 50 14.26 15.61 22.24
N SER B 51 13.65 15.19 23.33
CA SER B 51 13.74 15.90 24.62
C SER B 51 14.61 15.15 25.62
N ALA B 52 15.33 15.90 26.44
CA ALA B 52 16.00 15.31 27.60
C ALA B 52 14.96 14.60 28.46
N ALA B 53 15.37 13.56 29.19
CA ALA B 53 14.43 12.78 30.00
C ALA B 53 13.58 13.63 30.96
N GLU B 54 14.16 14.67 31.53
CA GLU B 54 13.43 15.48 32.50
C GLU B 54 12.38 16.37 31.83
N LYS B 55 12.62 16.71 30.55
CA LYS B 55 11.62 17.43 29.77
C LYS B 55 10.50 16.46 29.39
N GLY B 56 10.89 15.23 29.03
CA GLY B 56 9.92 14.18 28.80
C GLY B 56 9.05 13.97 30.01
N ARG B 57 9.66 13.96 31.19
CA ARG B 57 8.93 13.79 32.44
C ARG B 57 7.90 14.91 32.61
N ALA B 58 8.35 16.14 32.33
CA ALA B 58 7.49 17.31 32.46
C ALA B 58 6.29 17.21 31.52
N LEU B 59 6.53 16.72 30.30
CA LEU B 59 5.46 16.56 29.34
C LEU B 59 4.43 15.52 29.82
N ILE B 60 4.93 14.43 30.40
CA ILE B 60 4.06 13.39 30.94
C ILE B 60 3.21 13.97 32.06
N ARG B 61 3.83 14.75 32.93
CA ARG B 61 3.10 15.39 34.03
C ARG B 61 2.09 16.42 33.52
N GLU B 62 2.38 17.06 32.38
CA GLU B 62 1.41 17.96 31.76
C GLU B 62 0.15 17.20 31.35
N VAL B 63 0.32 16.03 30.78
CA VAL B 63 -0.83 15.23 30.39
C VAL B 63 -1.65 14.88 31.63
N ARG B 64 -0.96 14.44 32.69
CA ARG B 64 -1.65 14.02 33.92
C ARG B 64 -2.40 15.19 34.56
N GLY B 65 -1.91 16.39 34.33
CA GLY B 65 -2.58 17.59 34.83
C GLY B 65 -3.90 17.83 34.14
N LEU B 66 -4.10 17.19 32.99
CA LEU B 66 -5.28 17.43 32.18
C LEU B 66 -6.21 16.22 32.07
N THR B 67 -5.70 15.05 32.42
CA THR B 67 -6.53 13.85 32.42
C THR B 67 -6.08 12.84 33.47
N ASP B 68 -7.05 12.12 34.03
CA ASP B 68 -6.81 11.04 34.96
C ASP B 68 -6.88 9.69 34.26
N LYS B 69 -7.13 9.73 32.96
CA LYS B 69 -7.36 8.53 32.16
C LYS B 69 -6.06 8.01 31.54
N PRO B 70 -6.05 6.75 31.06
CA PRO B 70 -4.83 6.20 30.44
C PRO B 70 -4.37 7.00 29.22
N PHE B 71 -3.06 7.12 29.07
CA PHE B 71 -2.50 7.68 27.85
C PHE B 71 -1.20 6.95 27.46
N ASN B 72 -0.72 7.26 26.27
CA ASN B 72 0.38 6.59 25.60
C ASN B 72 1.56 7.52 25.46
N VAL B 73 2.74 7.07 25.84
CA VAL B 73 3.96 7.86 25.69
C VAL B 73 4.89 7.15 24.72
N ASN B 74 5.24 7.84 23.63
CA ASN B 74 5.95 7.25 22.49
C ASN B 74 7.42 7.65 22.40
N LEU B 75 8.26 6.67 22.10
CA LEU B 75 9.69 6.92 21.92
C LEU B 75 10.22 6.24 20.66
N PHE B 76 11.11 6.92 19.97
CA PHE B 76 11.78 6.35 18.81
C PHE B 76 12.80 5.33 19.30
N CYS B 77 12.88 4.20 18.60
CA CYS B 77 13.77 3.12 18.97
C CYS B 77 14.56 2.64 17.75
N HIS B 78 14.99 3.61 16.95
CA HIS B 78 15.80 3.34 15.77
C HIS B 78 17.21 2.85 16.14
N ARG B 79 17.90 2.23 15.19
CA ARG B 79 19.33 2.01 15.35
C ARG B 79 19.97 3.37 15.46
N PRO B 80 20.81 3.58 16.49
CA PRO B 80 21.39 4.91 16.70
C PRO B 80 22.18 5.38 15.49
N GLY B 81 21.99 6.65 15.11
CA GLY B 81 22.68 7.19 13.96
C GLY B 81 24.17 7.27 14.21
N GLN B 82 24.94 7.00 13.16
CA GLN B 82 26.40 7.12 13.20
C GLN B 82 26.85 8.41 12.54
N ALA B 83 27.47 9.29 13.33
CA ALA B 83 28.05 10.51 12.78
C ALA B 83 29.08 10.18 11.71
N ASP B 84 29.06 10.95 10.64
CA ASP B 84 30.01 10.77 9.54
C ASP B 84 30.26 12.15 8.95
N PRO B 85 31.24 12.87 9.49
CA PRO B 85 31.49 14.26 9.08
C PRO B 85 31.62 14.42 7.57
N ALA B 86 32.35 13.52 6.90
CA ALA B 86 32.57 13.65 5.46
C ALA B 86 31.27 13.53 4.68
N ARG B 87 30.45 12.55 5.06
CA ARG B 87 29.16 12.35 4.42
C ARG B 87 28.22 13.53 4.70
N GLU B 88 28.30 14.06 5.91
CA GLU B 88 27.45 15.17 6.31
C GLU B 88 27.86 16.46 5.61
N ARG B 89 29.17 16.66 5.44
CA ARG B 89 29.67 17.85 4.75
C ARG B 89 29.28 17.83 3.27
N ALA B 90 29.32 16.64 2.66
CA ALA B 90 28.92 16.48 1.27
C ALA B 90 27.44 16.78 1.10
N TRP B 91 26.63 16.33 2.05
CA TRP B 91 25.19 16.58 2.00
C TRP B 91 24.89 18.07 2.14
N LEU B 92 25.55 18.73 3.09
CA LEU B 92 25.36 20.16 3.29
C LEU B 92 25.77 20.95 2.05
N ASP B 93 26.85 20.49 1.40
CA ASP B 93 27.28 21.14 0.17
C ASP B 93 26.22 21.03 -0.90
N TYR B 94 25.56 19.88 -0.98
CA TYR B 94 24.50 19.67 -1.94
C TYR B 94 23.32 20.60 -1.67
N LEU B 95 23.05 20.84 -0.39
CA LEU B 95 21.94 21.74 -0.02
C LEU B 95 22.29 23.21 -0.09
N LYS B 96 23.60 23.51 -0.19
CA LYS B 96 24.06 24.89 -0.08
C LYS B 96 23.29 25.91 -0.93
N PRO B 97 23.00 25.60 -2.21
CA PRO B 97 22.29 26.60 -3.02
C PRO B 97 20.88 26.92 -2.51
N LEU B 98 20.25 25.95 -1.85
CA LEU B 98 18.94 26.18 -1.24
C LEU B 98 19.07 27.14 -0.07
N PHE B 99 20.09 26.95 0.76
CA PHE B 99 20.33 27.90 1.86
C PHE B 99 20.59 29.29 1.31
N ALA B 100 21.37 29.36 0.23
CA ALA B 100 21.75 30.65 -0.36
C ALA B 100 20.55 31.38 -0.96
N GLU B 101 19.58 30.61 -1.44
CA GLU B 101 18.34 31.17 -1.99
C GLU B 101 17.62 32.05 -0.97
N PHE B 102 17.85 31.77 0.32
CA PHE B 102 17.21 32.51 1.39
C PHE B 102 18.23 33.32 2.19
N GLY B 103 19.39 33.53 1.57
CA GLY B 103 20.42 34.37 2.14
C GLY B 103 21.05 33.80 3.39
N ALA B 104 21.07 32.47 3.50
CA ALA B 104 21.60 31.82 4.69
C ALA B 104 22.80 30.93 4.38
N GLU B 105 23.54 30.60 5.43
CA GLU B 105 24.58 29.57 5.41
C GLU B 105 24.00 28.27 5.97
N PRO B 106 24.46 27.12 5.44
CA PRO B 106 24.11 25.84 6.07
C PRO B 106 24.79 25.72 7.43
N PRO B 107 24.30 24.85 8.31
CA PRO B 107 25.02 24.61 9.56
C PRO B 107 26.41 24.02 9.28
N VAL B 108 27.33 24.22 10.22
CA VAL B 108 28.69 23.70 10.06
C VAL B 108 28.74 22.21 10.38
N ARG B 109 27.92 21.79 11.34
CA ARG B 109 27.91 20.40 11.79
C ARG B 109 26.46 19.97 11.94
N LEU B 110 26.20 18.68 11.74
CA LEU B 110 24.87 18.13 11.98
C LEU B 110 24.83 17.43 13.32
N LYS B 111 23.70 17.48 13.99
CA LYS B 111 23.55 16.92 15.33
C LYS B 111 22.62 15.71 15.35
N ASN B 112 22.91 14.77 16.25
CA ASN B 112 22.05 13.62 16.51
C ASN B 112 20.84 14.07 17.33
N ILE B 113 19.90 14.76 16.68
CA ILE B 113 18.86 15.49 17.40
C ILE B 113 17.80 14.61 18.05
N TYR B 114 17.63 13.39 17.54
CA TYR B 114 16.66 12.46 18.10
C TYR B 114 17.38 11.22 18.62
N LEU B 115 17.68 11.21 19.91
CA LEU B 115 18.35 10.06 20.50
C LEU B 115 17.38 8.89 20.55
N SER B 116 17.83 7.74 20.07
CA SER B 116 17.08 6.50 20.19
C SER B 116 16.94 6.10 21.65
N PHE B 117 15.86 5.39 21.96
CA PHE B 117 15.70 4.74 23.26
C PHE B 117 16.93 3.89 23.59
N LEU B 118 17.52 3.33 22.53
CA LEU B 118 18.66 2.44 22.67
C LEU B 118 19.98 3.13 23.04
N GLU B 119 20.05 4.45 22.92
CA GLU B 119 21.31 5.14 23.19
C GLU B 119 21.22 6.19 24.30
N ASP B 120 20.03 6.40 24.85
CA ASP B 120 19.85 7.31 25.99
C ASP B 120 19.37 6.54 27.21
N PRO B 121 20.29 6.19 28.10
CA PRO B 121 19.99 5.34 29.26
C PRO B 121 19.18 6.04 30.36
N THR B 122 18.91 7.33 30.22
CA THR B 122 18.12 8.06 31.21
C THR B 122 16.63 7.96 30.97
N LEU B 123 16.24 7.47 29.79
CA LEU B 123 14.81 7.42 29.46
C LEU B 123 14.07 6.31 30.20
N LEU B 124 14.61 5.09 30.20
CA LEU B 124 13.95 3.97 30.87
C LEU B 124 13.69 4.23 32.37
N PRO B 125 14.71 4.67 33.14
CA PRO B 125 14.44 4.95 34.56
C PRO B 125 13.33 5.98 34.78
N MET B 126 13.29 7.01 33.93
CA MET B 126 12.26 8.03 34.01
C MET B 126 10.88 7.43 33.77
N LEU B 127 10.75 6.60 32.74
CA LEU B 127 9.48 5.97 32.42
C LEU B 127 9.01 5.02 33.52
N LEU B 128 9.95 4.33 34.14
CA LEU B 128 9.65 3.41 35.23
C LEU B 128 9.11 4.16 36.45
N GLU B 129 9.57 5.40 36.63
CA GLU B 129 9.09 6.22 37.74
C GLU B 129 7.71 6.80 37.44
N GLU B 130 7.55 7.34 36.23
CA GLU B 130 6.30 7.99 35.87
C GLU B 130 5.17 7.02 35.54
N ARG B 131 5.53 5.83 35.05
CA ARG B 131 4.55 4.77 34.76
C ARG B 131 3.31 5.19 33.98
N PRO B 132 3.47 5.70 32.75
CA PRO B 132 2.24 5.93 31.96
C PRO B 132 1.55 4.60 31.65
N ALA B 133 0.26 4.64 31.30
CA ALA B 133 -0.49 3.43 31.02
C ALA B 133 0.14 2.62 29.88
N ALA B 134 0.57 3.33 28.85
CA ALA B 134 1.21 2.67 27.73
C ALA B 134 2.50 3.39 27.34
N VAL B 135 3.51 2.62 26.99
CA VAL B 135 4.70 3.16 26.36
C VAL B 135 4.82 2.49 25.01
N SER B 136 5.02 3.30 23.97
CA SER B 136 5.11 2.77 22.62
C SER B 136 6.44 3.10 21.96
N PHE B 137 6.83 2.24 21.01
CA PHE B 137 8.09 2.39 20.32
C PHE B 137 7.90 2.33 18.83
N HIS B 138 8.70 3.15 18.14
CA HIS B 138 8.65 3.28 16.69
C HIS B 138 10.07 3.10 16.15
N PHE B 139 10.18 2.38 15.03
CA PHE B 139 11.44 2.11 14.28
C PHE B 139 12.16 0.86 14.79
N GLY B 140 11.68 0.27 15.88
CA GLY B 140 12.33 -0.90 16.44
C GLY B 140 11.71 -1.31 17.75
N ALA B 141 12.05 -2.51 18.19
CA ALA B 141 11.64 -3.01 19.50
C ALA B 141 12.83 -2.96 20.46
N PRO B 142 12.61 -2.53 21.70
CA PRO B 142 13.69 -2.62 22.70
C PRO B 142 13.99 -4.08 23.03
N PRO B 143 15.17 -4.36 23.61
CA PRO B 143 15.47 -5.73 24.05
C PRO B 143 14.40 -6.23 25.02
N ARG B 144 14.18 -7.55 25.03
CA ARG B 144 13.16 -8.14 25.88
C ARG B 144 13.26 -7.73 27.35
N ASP B 145 14.48 -7.65 27.88
CA ASP B 145 14.64 -7.31 29.30
C ASP B 145 14.15 -5.90 29.62
N GLN B 146 14.21 -4.99 28.66
CA GLN B 146 13.71 -3.65 28.90
C GLN B 146 12.19 -3.57 28.77
N VAL B 147 11.63 -4.28 27.80
CA VAL B 147 10.18 -4.45 27.73
C VAL B 147 9.65 -5.06 29.02
N ARG B 148 10.34 -6.08 29.54
CA ARG B 148 9.93 -6.73 30.78
C ARG B 148 9.97 -5.77 31.96
N ALA B 149 10.99 -4.92 31.99
CA ALA B 149 11.15 -3.95 33.08
C ALA B 149 9.96 -3.00 33.13
N LEU B 150 9.54 -2.53 31.97
CA LEU B 150 8.37 -1.67 31.87
C LEU B 150 7.11 -2.40 32.32
N GLN B 151 6.93 -3.64 31.85
CA GLN B 151 5.74 -4.40 32.20
C GLN B 151 5.69 -4.74 33.68
N ALA B 152 6.87 -4.84 34.29
CA ALA B 152 6.98 -5.22 35.70
C ALA B 152 6.33 -4.18 36.61
N VAL B 153 6.23 -2.95 36.14
CA VAL B 153 5.57 -1.92 36.93
C VAL B 153 4.20 -1.55 36.34
N GLY B 154 3.67 -2.42 35.49
CA GLY B 154 2.30 -2.31 35.02
C GLY B 154 2.06 -1.55 33.74
N ILE B 155 3.13 -1.16 33.07
CA ILE B 155 3.04 -0.47 31.78
C ILE B 155 2.74 -1.44 30.64
N ARG B 156 1.78 -1.10 29.79
CA ARG B 156 1.55 -1.84 28.55
C ARG B 156 2.49 -1.34 27.47
N VAL B 157 3.18 -2.27 26.80
CA VAL B 157 4.17 -1.89 25.78
C VAL B 157 3.67 -2.19 24.37
N LEU B 158 3.65 -1.16 23.54
CA LEU B 158 3.26 -1.26 22.14
C LEU B 158 4.48 -1.04 21.26
N VAL B 159 4.58 -1.79 20.16
CA VAL B 159 5.65 -1.54 19.19
C VAL B 159 5.08 -1.57 17.79
N CYS B 160 5.50 -0.60 16.97
CA CYS B 160 5.06 -0.56 15.58
C CYS B 160 5.84 -1.53 14.71
N ALA B 161 5.15 -2.22 13.82
CA ALA B 161 5.76 -3.08 12.81
C ALA B 161 5.14 -2.82 11.45
N THR B 162 5.93 -2.92 10.38
CA THR B 162 5.41 -2.72 9.04
C THR B 162 5.31 -4.01 8.24
N THR B 163 5.81 -5.11 8.80
CA THR B 163 5.81 -6.41 8.11
C THR B 163 5.61 -7.52 9.12
N PRO B 164 5.23 -8.72 8.64
CA PRO B 164 5.16 -9.85 9.57
C PRO B 164 6.50 -10.19 10.20
N GLU B 165 7.61 -9.95 9.49
CA GLU B 165 8.92 -10.26 10.04
C GLU B 165 9.25 -9.33 11.21
N GLU B 166 8.87 -8.06 11.07
CA GLU B 166 9.05 -7.11 12.17
C GLU B 166 8.10 -7.46 13.31
N ALA B 167 6.89 -7.88 12.98
CA ALA B 167 5.94 -8.29 14.02
C ALA B 167 6.49 -9.46 14.81
N ALA B 168 7.22 -10.34 14.14
CA ALA B 168 7.80 -11.49 14.86
C ALA B 168 8.81 -11.00 15.88
N LEU B 169 9.54 -9.94 15.52
CA LEU B 169 10.49 -9.36 16.47
C LEU B 169 9.77 -8.70 17.63
N VAL B 170 8.61 -8.10 17.36
CA VAL B 170 7.81 -7.49 18.41
C VAL B 170 7.32 -8.58 19.39
N GLU B 171 6.90 -9.72 18.86
CA GLU B 171 6.48 -10.82 19.72
C GLU B 171 7.66 -11.38 20.51
N ALA B 172 8.82 -11.49 19.87
CA ALA B 172 10.03 -11.96 20.56
C ALA B 172 10.41 -11.05 21.73
N ALA B 173 10.17 -9.75 21.56
CA ALA B 173 10.47 -8.77 22.61
C ALA B 173 9.45 -8.82 23.75
N GLY B 174 8.35 -9.52 23.52
CA GLY B 174 7.33 -9.70 24.54
C GLY B 174 6.37 -8.56 24.73
N ALA B 175 6.21 -7.70 23.73
CA ALA B 175 5.30 -6.57 23.80
C ALA B 175 3.84 -7.00 24.02
N ASP B 176 3.01 -6.08 24.51
CA ASP B 176 1.60 -6.36 24.74
C ASP B 176 0.73 -6.21 23.49
N ALA B 177 1.18 -5.41 22.52
CA ALA B 177 0.40 -5.19 21.32
C ALA B 177 1.32 -4.76 20.20
N VAL B 178 0.94 -5.06 18.96
CA VAL B 178 1.69 -4.60 17.81
C VAL B 178 0.87 -3.57 17.03
N VAL B 179 1.50 -2.45 16.68
CA VAL B 179 0.84 -1.45 15.85
C VAL B 179 1.22 -1.72 14.40
N ALA B 180 0.27 -2.21 13.63
CA ALA B 180 0.49 -2.55 12.23
C ALA B 180 0.38 -1.32 11.36
N GLN B 181 1.52 -0.78 10.93
CA GLN B 181 1.52 0.44 10.11
C GLN B 181 1.59 0.11 8.63
N GLY B 182 0.50 0.39 7.91
CA GLY B 182 0.43 0.14 6.49
C GLY B 182 1.02 1.28 5.68
N ILE B 183 1.14 1.05 4.38
CA ILE B 183 1.80 2.00 3.49
C ILE B 183 1.00 3.30 3.42
N GLU B 184 -0.29 3.23 3.73
CA GLU B 184 -1.15 4.41 3.77
C GLU B 184 -0.71 5.45 4.79
N ALA B 185 0.00 5.00 5.82
CA ALA B 185 0.25 5.86 6.98
C ALA B 185 1.03 7.14 6.70
N GLY B 186 0.66 8.21 7.40
CA GLY B 186 1.41 9.45 7.34
C GLY B 186 2.64 9.42 8.22
N GLY B 187 3.59 10.31 7.95
CA GLY B 187 4.75 10.42 8.81
C GLY B 187 5.83 9.40 8.49
N CYS B 188 6.77 9.24 9.41
CA CYS B 188 7.91 8.38 9.14
C CYS B 188 7.51 6.91 9.29
N ARG B 189 7.89 6.11 8.30
CA ARG B 189 7.57 4.69 8.29
C ARG B 189 8.38 3.93 9.34
N GLY B 190 7.71 3.00 10.01
CA GLY B 190 8.32 2.27 11.12
C GLY B 190 9.21 1.11 10.71
N VAL B 191 9.75 1.15 9.50
CA VAL B 191 10.64 0.10 8.99
C VAL B 191 11.89 -0.02 9.88
N PHE B 192 12.19 -1.24 10.35
CA PHE B 192 13.29 -1.44 11.30
C PHE B 192 14.64 -1.24 10.63
N GLU B 193 14.81 -1.85 9.46
CA GLU B 193 16.09 -1.88 8.76
C GLU B 193 15.91 -1.46 7.31
N PRO B 194 15.73 -0.15 7.09
CA PRO B 194 15.40 0.35 5.75
C PRO B 194 16.51 0.11 4.72
N GLU B 195 17.73 -0.14 5.17
CA GLU B 195 18.80 -0.48 4.23
C GLU B 195 18.55 -1.85 3.54
N ARG B 196 17.66 -2.64 4.12
CA ARG B 196 17.30 -3.93 3.53
C ARG B 196 16.17 -3.80 2.52
N GLY B 197 15.68 -2.57 2.34
CA GLY B 197 14.52 -2.34 1.49
C GLY B 197 13.26 -2.12 2.29
N ASP B 198 12.13 -1.97 1.60
CA ASP B 198 10.85 -1.68 2.26
C ASP B 198 9.77 -2.44 1.52
N ALA B 199 9.22 -3.46 2.19
CA ALA B 199 8.16 -4.25 1.58
C ALA B 199 6.92 -3.40 1.24
N ALA B 200 6.75 -2.28 1.93
CA ALA B 200 5.66 -1.33 1.62
C ALA B 200 4.30 -2.01 1.51
N ILE B 201 3.91 -2.68 2.59
CA ILE B 201 2.67 -3.45 2.62
C ILE B 201 1.51 -2.54 2.99
N GLY B 202 0.42 -2.61 2.23
CA GLY B 202 -0.77 -1.83 2.52
C GLY B 202 -1.46 -2.27 3.79
N THR B 203 -2.19 -1.35 4.40
CA THR B 203 -2.90 -1.62 5.65
C THR B 203 -3.80 -2.86 5.58
N LEU B 204 -4.58 -2.99 4.50
CA LEU B 204 -5.53 -4.10 4.42
C LEU B 204 -4.82 -5.45 4.45
N ALA B 205 -3.72 -5.58 3.72
CA ALA B 205 -2.94 -6.82 3.78
C ALA B 205 -2.24 -6.98 5.12
N LEU B 206 -1.59 -5.92 5.60
CA LEU B 206 -0.77 -6.07 6.81
C LEU B 206 -1.57 -6.43 8.03
N VAL B 207 -2.70 -5.75 8.23
CA VAL B 207 -3.53 -6.01 9.41
C VAL B 207 -4.03 -7.45 9.36
N ARG B 208 -4.49 -7.89 8.19
CA ARG B 208 -4.98 -9.25 8.06
C ARG B 208 -3.88 -10.27 8.31
N LEU B 209 -2.68 -10.00 7.79
CA LEU B 209 -1.57 -10.94 8.00
C LEU B 209 -1.23 -11.09 9.49
N LEU B 210 -1.18 -9.97 10.21
CA LEU B 210 -0.78 -10.05 11.61
C LEU B 210 -1.90 -10.64 12.46
N ALA B 211 -3.15 -10.33 12.13
CA ALA B 211 -4.26 -10.86 12.91
C ALA B 211 -4.52 -12.34 12.62
N ALA B 212 -4.34 -12.74 11.35
CA ALA B 212 -4.61 -14.12 10.96
C ALA B 212 -3.53 -15.07 11.39
N ARG B 213 -2.29 -14.61 11.45
CA ARG B 213 -1.16 -15.51 11.62
C ARG B 213 -0.35 -15.27 12.88
N GLY B 214 -0.57 -14.14 13.54
CA GLY B 214 0.15 -13.81 14.76
C GLY B 214 -0.64 -14.05 16.04
N SER B 215 -0.03 -13.68 17.17
CA SER B 215 -0.65 -13.87 18.48
C SER B 215 -1.16 -12.57 19.13
N LEU B 216 -0.37 -11.51 19.02
CA LEU B 216 -0.64 -10.27 19.73
C LEU B 216 -1.86 -9.52 19.20
N PRO B 217 -2.54 -8.76 20.08
CA PRO B 217 -3.56 -7.82 19.60
C PRO B 217 -2.94 -6.87 18.58
N VAL B 218 -3.66 -6.61 17.50
CA VAL B 218 -3.18 -5.76 16.42
C VAL B 218 -3.88 -4.42 16.43
N VAL B 219 -3.09 -3.35 16.42
CA VAL B 219 -3.62 -2.00 16.29
C VAL B 219 -3.39 -1.53 14.86
N ALA B 220 -4.46 -1.38 14.10
CA ALA B 220 -4.35 -0.94 12.69
C ALA B 220 -4.03 0.54 12.54
N ALA B 221 -2.98 0.85 11.77
CA ALA B 221 -2.59 2.24 11.55
C ALA B 221 -2.26 2.49 10.08
N GLY B 222 -2.94 3.46 9.49
CA GLY B 222 -2.63 3.90 8.13
C GLY B 222 -3.85 4.02 7.27
N GLY B 223 -4.30 5.25 7.06
CA GLY B 223 -5.37 5.51 6.10
C GLY B 223 -6.76 5.53 6.70
N ILE B 224 -6.86 5.33 8.00
CA ILE B 224 -8.16 5.25 8.68
C ILE B 224 -8.61 6.64 9.11
N MET B 225 -9.77 7.08 8.60
CA MET B 225 -10.21 8.47 8.76
C MET B 225 -11.63 8.62 9.30
N ASP B 226 -12.34 7.51 9.42
CA ASP B 226 -13.73 7.56 9.84
C ASP B 226 -14.15 6.21 10.41
N GLY B 227 -15.39 6.12 10.88
CA GLY B 227 -15.87 4.91 11.51
C GLY B 227 -15.92 3.73 10.56
N ARG B 228 -16.18 3.99 9.28
CA ARG B 228 -16.16 2.92 8.28
C ARG B 228 -14.77 2.30 8.23
N GLY B 229 -13.74 3.13 8.27
CA GLY B 229 -12.36 2.66 8.31
C GLY B 229 -12.06 1.84 9.55
N ILE B 230 -12.56 2.29 10.70
CA ILE B 230 -12.36 1.59 11.95
C ILE B 230 -13.07 0.23 11.88
N ARG B 231 -14.31 0.23 11.40
CA ARG B 231 -15.06 -1.01 11.23
C ARG B 231 -14.35 -1.98 10.28
N ALA B 232 -13.79 -1.45 9.20
CA ALA B 232 -13.02 -2.25 8.26
C ALA B 232 -11.82 -2.92 8.95
N ALA B 233 -11.09 -2.14 9.75
CA ALA B 233 -9.93 -2.68 10.47
C ALA B 233 -10.33 -3.79 11.43
N LEU B 234 -11.45 -3.59 12.13
CA LEU B 234 -11.92 -4.60 13.06
C LEU B 234 -12.34 -5.88 12.31
N GLU B 235 -12.94 -5.72 11.13
CA GLU B 235 -13.29 -6.90 10.34
C GLU B 235 -12.04 -7.68 9.92
N LEU B 236 -10.95 -6.98 9.66
CA LEU B 236 -9.67 -7.62 9.31
C LEU B 236 -9.03 -8.32 10.51
N GLY B 237 -9.56 -8.08 11.70
CA GLY B 237 -9.06 -8.73 12.89
C GLY B 237 -8.28 -7.85 13.85
N ALA B 238 -8.19 -6.57 13.56
CA ALA B 238 -7.56 -5.65 14.50
C ALA B 238 -8.35 -5.56 15.79
N SER B 239 -7.66 -5.26 16.89
CA SER B 239 -8.30 -5.02 18.19
C SER B 239 -8.50 -3.53 18.48
N ALA B 240 -7.85 -2.68 17.70
CA ALA B 240 -7.97 -1.24 17.84
C ALA B 240 -7.41 -0.57 16.61
N VAL B 241 -7.53 0.76 16.55
CA VAL B 241 -6.89 1.53 15.49
C VAL B 241 -6.02 2.63 16.08
N GLN B 242 -5.07 3.10 15.29
CA GLN B 242 -4.24 4.24 15.63
C GLN B 242 -4.34 5.22 14.47
N MET B 243 -4.71 6.46 14.77
CA MET B 243 -5.05 7.43 13.74
C MET B 243 -4.25 8.70 13.97
N GLY B 244 -3.48 9.11 12.95
CA GLY B 244 -2.68 10.32 13.07
C GLY B 244 -3.27 11.46 12.29
N THR B 245 -3.32 11.29 10.97
CA THR B 245 -3.79 12.33 10.06
C THR B 245 -5.16 12.89 10.49
N ALA B 246 -6.06 12.02 10.95
CA ALA B 246 -7.40 12.46 11.34
C ALA B 246 -7.39 13.49 12.47
N PHE B 247 -6.35 13.47 13.29
CA PHE B 247 -6.28 14.39 14.44
C PHE B 247 -5.40 15.63 14.21
N VAL B 248 -4.70 15.69 13.07
CA VAL B 248 -3.80 16.82 12.80
C VAL B 248 -4.53 18.17 12.81
N LEU B 249 -5.75 18.21 12.28
CA LEU B 249 -6.51 19.46 12.21
C LEU B 249 -7.23 19.85 13.50
N CYS B 250 -7.22 18.98 14.51
CA CYS B 250 -7.79 19.36 15.80
C CYS B 250 -7.08 20.59 16.32
N PRO B 251 -7.84 21.53 16.89
CA PRO B 251 -7.23 22.74 17.45
C PRO B 251 -6.18 22.44 18.53
N GLU B 252 -6.36 21.32 19.25
CA GLU B 252 -5.42 20.92 20.29
C GLU B 252 -4.04 20.51 19.76
N SER B 253 -3.93 20.19 18.47
CA SER B 253 -2.62 19.82 17.93
C SER B 253 -1.73 21.04 17.75
N SER B 254 -0.42 20.81 17.60
CA SER B 254 0.51 21.91 17.35
C SER B 254 0.93 22.05 15.88
N ALA B 255 0.10 21.55 14.95
CA ALA B 255 0.34 21.84 13.55
C ALA B 255 0.27 23.34 13.34
N ASN B 256 1.20 23.92 12.59
CA ASN B 256 1.11 25.36 12.37
C ASN B 256 0.05 25.69 11.31
N ALA B 257 -0.16 26.98 11.06
CA ALA B 257 -1.26 27.39 10.20
C ALA B 257 -1.06 26.93 8.77
N ALA B 258 0.17 26.98 8.28
CA ALA B 258 0.47 26.57 6.91
C ALA B 258 0.15 25.10 6.70
N TYR B 259 0.51 24.31 7.70
CA TYR B 259 0.24 22.87 7.71
C TYR B 259 -1.28 22.59 7.67
N ARG B 260 -2.01 23.25 8.56
CA ARG B 260 -3.47 23.07 8.57
C ARG B 260 -4.11 23.46 7.24
N GLU B 261 -3.71 24.62 6.70
CA GLU B 261 -4.27 25.06 5.43
C GLU B 261 -3.88 24.11 4.28
N ALA B 262 -2.65 23.60 4.31
CA ALA B 262 -2.20 22.65 3.30
C ALA B 262 -3.05 21.37 3.33
N LEU B 263 -3.29 20.87 4.54
CA LEU B 263 -4.02 19.61 4.69
C LEU B 263 -5.50 19.78 4.32
N LYS B 264 -6.03 20.99 4.50
CA LYS B 264 -7.44 21.24 4.19
C LYS B 264 -7.64 21.54 2.71
N GLY B 265 -6.57 21.98 2.04
CA GLY B 265 -6.66 22.43 0.66
C GLY B 265 -6.42 21.36 -0.39
N PRO B 266 -6.21 21.79 -1.64
CA PRO B 266 -6.11 20.88 -2.78
C PRO B 266 -4.90 19.95 -2.73
N ARG B 267 -3.85 20.34 -2.00
CA ARG B 267 -2.67 19.49 -1.94
C ARG B 267 -2.94 18.16 -1.25
N ALA B 268 -3.99 18.11 -0.44
CA ALA B 268 -4.35 16.86 0.25
C ALA B 268 -4.71 15.73 -0.71
N ALA B 269 -4.90 16.05 -1.99
CA ALA B 269 -5.26 15.03 -2.98
C ALA B 269 -4.11 14.11 -3.34
N ARG B 270 -2.90 14.44 -2.90
CA ARG B 270 -1.74 13.65 -3.27
C ARG B 270 -0.69 13.66 -2.16
N THR B 271 -0.32 12.47 -1.70
CA THR B 271 0.82 12.31 -0.82
C THR B 271 1.92 11.52 -1.52
N ALA B 272 3.13 11.57 -0.97
CA ALA B 272 4.24 10.79 -1.52
C ALA B 272 5.23 10.50 -0.41
N LEU B 273 6.16 9.60 -0.70
CA LEU B 273 7.23 9.24 0.23
C LEU B 273 8.50 9.99 -0.11
N THR B 274 9.22 10.39 0.93
CA THR B 274 10.54 11.00 0.76
C THR B 274 11.48 10.53 1.86
N VAL B 275 12.75 10.34 1.49
CA VAL B 275 13.79 9.99 2.46
C VAL B 275 14.68 11.22 2.69
N THR B 276 14.52 12.23 1.85
CA THR B 276 15.45 13.36 1.87
C THR B 276 15.10 14.42 2.93
N MET B 277 13.92 14.32 3.52
CA MET B 277 13.52 15.24 4.58
C MET B 277 14.20 14.91 5.91
N SER B 278 14.05 13.66 6.36
CA SER B 278 14.53 13.28 7.68
C SER B 278 15.68 12.30 7.64
N GLY B 279 15.87 11.65 6.50
CA GLY B 279 16.83 10.57 6.39
C GLY B 279 16.17 9.20 6.53
N ARG B 280 14.86 9.20 6.80
CA ARG B 280 14.07 7.97 6.83
C ARG B 280 12.82 8.17 5.98
N SER B 281 12.39 7.13 5.29
CA SER B 281 11.21 7.21 4.42
C SER B 281 9.99 7.69 5.21
N ALA B 282 9.32 8.70 4.67
CA ALA B 282 8.21 9.34 5.39
C ALA B 282 7.17 9.85 4.39
N ARG B 283 5.89 9.82 4.78
CA ARG B 283 4.81 10.22 3.87
C ARG B 283 4.24 11.57 4.23
N GLY B 284 4.18 12.45 3.24
CA GLY B 284 3.51 13.73 3.44
C GLY B 284 3.12 14.41 2.15
N LEU B 285 2.72 15.67 2.29
CA LEU B 285 2.31 16.47 1.14
C LEU B 285 3.59 16.96 0.44
N PRO B 286 3.80 16.54 -0.80
CA PRO B 286 5.10 16.81 -1.43
C PRO B 286 5.41 18.30 -1.66
N ASN B 287 6.68 18.63 -1.49
CA ASN B 287 7.17 19.99 -1.73
C ASN B 287 8.63 19.91 -2.19
N ARG B 288 9.39 20.98 -1.95
CA ARG B 288 10.75 21.00 -2.50
C ARG B 288 11.73 20.04 -1.81
N MET B 289 11.37 19.52 -0.64
CA MET B 289 12.22 18.52 0.03
C MET B 289 11.90 17.09 -0.41
N PHE B 290 11.02 16.95 -1.40
CA PHE B 290 10.69 15.64 -1.96
C PHE B 290 11.40 15.44 -3.29
N PHE B 291 12.61 14.90 -3.26
CA PHE B 291 13.31 14.61 -4.51
C PHE B 291 13.95 13.24 -4.45
N ASP B 292 14.32 12.72 -5.62
CA ASP B 292 14.89 11.39 -5.75
C ASP B 292 16.31 11.39 -5.20
N ALA B 293 16.51 10.67 -4.10
CA ALA B 293 17.83 10.54 -3.50
C ALA B 293 18.79 9.74 -4.39
N ALA B 294 18.24 8.99 -5.34
CA ALA B 294 19.05 8.15 -6.22
C ALA B 294 19.35 8.82 -7.56
N ALA B 295 18.90 10.07 -7.71
CA ALA B 295 19.11 10.83 -8.94
C ALA B 295 20.59 11.11 -9.17
N PRO B 296 20.98 11.30 -10.44
CA PRO B 296 22.39 11.64 -10.71
C PRO B 296 22.80 12.94 -10.06
N GLY B 297 23.95 12.95 -9.40
CA GLY B 297 24.46 14.16 -8.77
C GLY B 297 24.10 14.29 -7.30
N VAL B 298 23.21 13.43 -6.82
CA VAL B 298 22.85 13.46 -5.40
C VAL B 298 23.81 12.57 -4.60
N PRO B 299 24.50 13.16 -3.61
CA PRO B 299 25.46 12.43 -2.78
C PRO B 299 24.77 11.50 -1.78
N PRO B 300 25.51 10.55 -1.21
CA PRO B 300 24.94 9.65 -0.20
C PRO B 300 24.31 10.41 0.96
N LEU B 301 23.15 9.91 1.40
CA LEU B 301 22.48 10.47 2.57
C LEU B 301 23.24 10.20 3.84
N PRO B 302 23.40 11.22 4.69
CA PRO B 302 23.85 10.97 6.07
C PRO B 302 22.85 10.08 6.79
N ASP B 303 23.25 9.57 7.95
CA ASP B 303 22.38 8.76 8.77
C ASP B 303 21.18 9.55 9.29
N TYR B 304 20.06 8.87 9.47
CA TYR B 304 19.00 9.37 10.33
C TYR B 304 19.53 9.44 11.77
N PRO B 305 19.25 10.52 12.51
CA PRO B 305 18.42 11.70 12.23
C PRO B 305 19.21 12.94 11.85
N PHE B 306 20.49 12.77 11.54
CA PHE B 306 21.33 13.89 11.12
C PHE B 306 20.74 14.64 9.92
N VAL B 307 20.17 13.90 8.98
CA VAL B 307 19.57 14.53 7.81
C VAL B 307 18.48 15.53 8.23
N TYR B 308 17.67 15.15 9.20
CA TYR B 308 16.59 16.03 9.64
C TYR B 308 17.11 17.31 10.27
N ASP B 309 18.26 17.24 10.93
CA ASP B 309 18.89 18.43 11.48
C ASP B 309 19.24 19.43 10.37
N ALA B 310 19.78 18.92 9.25
CA ALA B 310 20.05 19.74 8.08
C ALA B 310 18.78 20.38 7.53
N THR B 311 17.75 19.56 7.35
CA THR B 311 16.47 20.03 6.84
C THR B 311 15.85 21.10 7.75
N LYS B 312 15.92 20.89 9.06
CA LYS B 312 15.36 21.87 9.99
C LYS B 312 16.07 23.22 9.86
N ALA B 313 17.38 23.20 9.64
CA ALA B 313 18.10 24.45 9.42
C ALA B 313 17.59 25.15 8.15
N LEU B 314 17.37 24.37 7.10
CA LEU B 314 16.87 24.92 5.85
C LEU B 314 15.46 25.46 6.03
N GLN B 315 14.62 24.73 6.75
CA GLN B 315 13.27 25.20 7.07
C GLN B 315 13.30 26.54 7.78
N THR B 316 14.16 26.67 8.78
CA THR B 316 14.34 27.92 9.51
C THR B 316 14.69 29.08 8.56
N ALA B 317 15.67 28.87 7.69
CA ALA B 317 16.08 29.87 6.70
C ALA B 317 14.94 30.24 5.74
N ALA B 318 14.22 29.23 5.24
CA ALA B 318 13.09 29.48 4.35
C ALA B 318 11.98 30.26 5.06
N LEU B 319 11.65 29.85 6.27
CA LEU B 319 10.62 30.49 7.07
C LEU B 319 10.91 31.96 7.29
N ALA B 320 12.19 32.29 7.46
CA ALA B 320 12.60 33.68 7.69
C ALA B 320 12.28 34.56 6.48
N ARG B 321 12.18 33.94 5.31
CA ARG B 321 11.84 34.66 4.08
C ARG B 321 10.39 34.43 3.70
N GLY B 322 9.59 33.93 4.65
CA GLY B 322 8.19 33.64 4.42
C GLY B 322 7.93 32.51 3.44
N ASN B 323 8.85 31.54 3.39
CA ASN B 323 8.73 30.44 2.45
C ASN B 323 8.43 29.14 3.19
N HIS B 324 7.39 28.43 2.76
CA HIS B 324 6.96 27.21 3.46
C HIS B 324 7.14 25.95 2.62
N ASP B 325 7.91 26.04 1.54
CA ASP B 325 8.01 24.95 0.57
C ASP B 325 8.97 23.84 1.00
N PHE B 326 9.44 23.90 2.24
CA PHE B 326 10.36 22.88 2.75
C PHE B 326 9.83 22.25 4.02
N ALA B 327 8.57 22.57 4.34
CA ALA B 327 7.95 22.12 5.59
C ALA B 327 7.69 20.62 5.59
N ALA B 328 7.71 20.04 6.78
CA ALA B 328 7.31 18.65 6.97
C ALA B 328 5.82 18.65 7.27
N GLN B 329 5.04 18.38 6.24
CA GLN B 329 3.59 18.36 6.37
C GLN B 329 3.12 16.93 6.17
N TRP B 330 3.24 16.15 7.24
CA TRP B 330 3.00 14.72 7.13
C TRP B 330 1.52 14.42 7.05
N ALA B 331 1.17 13.41 6.26
CA ALA B 331 -0.24 13.08 6.05
C ALA B 331 -0.34 11.73 5.39
N GLY B 332 -1.35 10.95 5.77
CA GLY B 332 -1.57 9.65 5.19
C GLY B 332 -2.42 9.67 3.94
N GLN B 333 -2.62 8.51 3.34
CA GLN B 333 -3.32 8.44 2.05
C GLN B 333 -4.82 8.67 2.15
N GLY B 334 -5.34 8.80 3.37
CA GLY B 334 -6.71 9.22 3.54
C GLY B 334 -6.86 10.72 3.77
N ALA B 335 -5.81 11.48 3.47
CA ALA B 335 -5.79 12.93 3.78
C ALA B 335 -6.97 13.72 3.23
N ALA B 336 -7.50 13.33 2.09
CA ALA B 336 -8.61 14.07 1.48
C ALA B 336 -9.88 13.99 2.33
N LEU B 337 -9.90 13.05 3.28
CA LEU B 337 -11.04 12.85 4.15
C LEU B 337 -10.88 13.51 5.52
N ALA B 338 -9.85 14.34 5.67
CA ALA B 338 -9.59 14.98 6.95
C ALA B 338 -10.72 15.94 7.34
N ARG B 339 -10.99 16.00 8.64
CA ARG B 339 -12.00 16.87 9.21
C ARG B 339 -11.36 17.72 10.31
N GLU B 340 -11.93 18.90 10.55
CA GLU B 340 -11.41 19.86 11.51
C GLU B 340 -12.42 20.01 12.64
N LEU B 341 -12.12 19.39 13.76
CA LEU B 341 -13.00 19.37 14.92
C LEU B 341 -12.19 19.38 16.21
N PRO B 342 -12.76 19.92 17.29
CA PRO B 342 -12.19 19.67 18.62
C PRO B 342 -11.97 18.16 18.80
N ALA B 343 -10.83 17.78 19.38
CA ALA B 343 -10.46 16.37 19.45
C ALA B 343 -11.53 15.51 20.13
N ALA B 344 -12.13 16.04 21.19
CA ALA B 344 -13.15 15.25 21.90
C ALA B 344 -14.37 15.04 21.02
N GLU B 345 -14.68 16.05 20.20
CA GLU B 345 -15.81 15.98 19.28
C GLU B 345 -15.53 15.01 18.14
N LEU B 346 -14.30 15.02 17.66
CA LEU B 346 -13.89 14.06 16.63
C LEU B 346 -14.00 12.64 17.16
N LEU B 347 -13.53 12.43 18.40
CA LEU B 347 -13.59 11.09 19.00
C LEU B 347 -15.04 10.64 19.10
N ARG B 348 -15.93 11.50 19.60
CA ARG B 348 -17.36 11.15 19.65
C ARG B 348 -17.96 10.82 18.29
N THR B 349 -17.60 11.59 17.26
CA THR B 349 -18.07 11.36 15.91
C THR B 349 -17.60 10.00 15.38
N LEU B 350 -16.32 9.70 15.62
CA LEU B 350 -15.77 8.41 15.22
C LEU B 350 -16.49 7.26 15.89
N VAL B 351 -16.83 7.42 17.16
CA VAL B 351 -17.52 6.37 17.91
C VAL B 351 -18.94 6.19 17.36
N GLU B 352 -19.61 7.28 17.04
CA GLU B 352 -20.94 7.21 16.41
C GLU B 352 -20.87 6.47 15.06
N GLU B 353 -19.87 6.80 14.25
CA GLU B 353 -19.68 6.16 12.96
C GLU B 353 -19.33 4.68 13.12
N LEU B 354 -18.55 4.37 14.16
CA LEU B 354 -18.13 3.00 14.42
C LEU B 354 -19.32 2.13 14.81
N ARG B 355 -20.19 2.68 15.66
CA ARG B 355 -21.33 1.91 16.13
C ARG B 355 -22.37 1.72 15.02
N GLY B 356 -22.42 2.67 14.09
CA GLY B 356 -23.26 2.54 12.92
C GLY B 356 -24.63 3.16 13.08
N1 FMN C . -5.84 -7.87 -14.15
C2 FMN C . -6.27 -7.65 -15.44
O2 FMN C . -7.00 -6.67 -15.67
N3 FMN C . -5.92 -8.48 -16.48
C4 FMN C . -5.09 -9.57 -16.23
O4 FMN C . -4.75 -10.33 -17.14
C4A FMN C . -4.65 -9.78 -14.93
N5 FMN C . -3.84 -10.86 -14.68
C5A FMN C . -3.41 -11.12 -13.40
C6 FMN C . -2.60 -12.23 -13.20
C7 FMN C . -2.16 -12.53 -11.91
C7M FMN C . -1.31 -13.75 -11.72
C8 FMN C . -2.53 -11.70 -10.86
C8M FMN C . -2.04 -12.02 -9.47
C9 FMN C . -3.33 -10.59 -11.07
C9A FMN C . -3.78 -10.29 -12.35
N10 FMN C . -4.60 -9.19 -12.60
C10 FMN C . -5.02 -8.94 -13.89
C1' FMN C . -4.97 -8.26 -11.48
C2' FMN C . -6.33 -8.52 -10.89
O2' FMN C . -7.31 -8.04 -11.78
C3' FMN C . -6.44 -7.82 -9.53
O3' FMN C . -6.12 -6.45 -9.64
C4' FMN C . -5.50 -8.44 -8.50
O4' FMN C . -5.46 -9.84 -8.63
C5' FMN C . -6.05 -8.10 -7.11
O5' FMN C . -5.07 -8.38 -6.15
P FMN C . -4.96 -9.80 -5.40
O1P FMN C . -6.36 -10.34 -5.30
O2P FMN C . -4.29 -9.54 -4.08
O3P FMN C . -4.13 -10.67 -6.31
C1 N1P D . -0.83 -11.88 -16.09
C2 N1P D . -1.11 -10.41 -16.30
C3 N1P D . 0.16 -9.61 -16.52
N1 N1P D . 0.87 -10.15 -17.62
O1 N1P D . 0.34 -10.22 -18.72
O2 N1P D . 1.97 -10.67 -17.44
N1 FMN E . 4.40 7.54 14.90
C2 FMN E . 5.27 7.39 15.95
O2 FMN E . 5.47 6.27 16.42
N3 FMN E . 5.90 8.49 16.50
C4 FMN E . 5.67 9.75 15.98
O4 FMN E . 6.24 10.74 16.44
C4A FMN E . 4.81 9.88 14.91
N5 FMN E . 4.59 11.13 14.38
C5A FMN E . 3.71 11.29 13.33
C6 FMN E . 3.49 12.57 12.84
C7 FMN E . 2.61 12.76 11.80
C7M FMN E . 2.40 14.17 11.32
C8 FMN E . 1.95 11.68 11.23
C8M FMN E . 1.01 11.89 10.09
C9 FMN E . 2.17 10.39 11.73
C9A FMN E . 3.05 10.20 12.78
N10 FMN E . 3.30 8.94 13.31
C10 FMN E . 4.18 8.78 14.36
C1' FMN E . 2.63 7.76 12.69
C2' FMN E . 1.41 7.28 13.42
O2' FMN E . 1.85 6.60 14.58
C3' FMN E . 0.61 6.33 12.53
O3' FMN E . 1.44 5.28 12.06
C4' FMN E . 0.04 7.04 11.31
O4' FMN E . -0.42 8.34 11.63
C5' FMN E . -1.16 6.25 10.79
O5' FMN E . -1.51 6.77 9.53
P FMN E . -2.64 7.90 9.32
O1P FMN E . -1.90 9.22 9.44
O2P FMN E . -3.67 7.73 10.42
O3P FMN E . -3.23 7.68 7.95
C1 N1P F . 6.71 13.48 13.24
C2 N1P F . 7.54 12.36 13.80
C3 N1P F . 8.77 12.11 12.95
N1 N1P F . 9.35 13.35 12.57
O1 N1P F . 10.01 13.99 13.39
O2 N1P F . 9.31 13.72 11.40
#